data_5ITD
#
_entry.id   5ITD
#
_cell.length_a   104.645
_cell.length_b   107.352
_cell.length_c   134.502
_cell.angle_alpha   90.000
_cell.angle_beta   90.000
_cell.angle_gamma   90.000
#
_symmetry.space_group_name_H-M   'P 21 21 21'
#
loop_
_entity.id
_entity.type
_entity.pdbx_description
1 polymer 'Phosphatidylinositol 4,5-bisphosphate 3-kinase catalytic subunit alpha isoform'
2 polymer 'Phosphatidylinositol 3-kinase regulatory subunit alpha'
3 non-polymer 5-{4-[3-(4-acetylpiperazine-1-carbonyl)phenyl]quinazolin-6-yl}-2-methoxypyridine-3-carbonitrile
4 water water
#
loop_
_entity_poly.entity_id
_entity_poly.type
_entity_poly.pdbx_seq_one_letter_code
_entity_poly.pdbx_strand_id
1 'polypeptide(L)'
;MPPRPSSGELWGIHLMPPRILVECLLPNGMIVTLECLREATLITIKHELFKEARKYPLHQLLQDESSYIFVSVTQEAERE
EFFDETRRLCDLRLFQPFLKVIEPVGNREEKILNREIGFAIGMPVCEFDMVKDPEVQDFRRNILNVCKEAVDLRDLNSPH
SRAMYVYPPNVESSPELPKHIYNKLDKGQIIVVIWVIVSPNNDKQKYTLKINHDCVPEQVIAEAIRKKTRSKKLSSEQLK
LCVLEYQGKYILKVCGCDEYFLEKYPLSQYKYIRSCIMLGRMPNLMLMAKESLYSQLPMDCFTMPSYSRRISTATPYMNG
ETSTKSLWVINSALRIKILCATYVNVNIRDIDKIYVRTGIYHGGEPLCDNVNTQRVPCSNPRWNEWLNYDIYIPDLPRAA
RLCLSICSVKGRKGAKEEHCPLAWGNINLFDYTDTLVSGKMALNLWPVPHGLEDLLNPIGVTGSNPNKETPCLELEFDWF
SSVVKFPDMSVIEEHANWSVSREAGFSYSHAGLSNRLARDNELRENDKEQLKAISTRDPLSEITEQEKDFLWSHRHYCVT
IPEILPKLLLSVKWNSRDEVAQMYCLVKDWPPIKPEQAMELLDCNYPDPMVRGFAVRCLEKYLTDDKLSQYLIQLVQVLK
YEQYLDNLLVRFLLKKALTNQRIGHFFFWHLKSEMHNKTVSQRFGLLLESYCRACGMYLKHLNRQVEAMEKLINLTDILK
QEKKDETQKVQMKFLVEQMRRPDFMDALQGFLSPLNPAHQLGNLRLEECRIMSSAKRPLWLNWENPDIMSELLFQNNEII
FKNGDDLRQDMLTLQIIRIMENIWQNQGLDLRMLPYGCLSIGDCVGLIEVVRNSHTIMQIQCKGGLKGALQFNSHTLHQW
LKDKNKGEIYDAAIDLFTRSCAGYCVATFILGIGDRHNSNIMVKDDGQLFHIDFGHFLDHKKKKFGYKRERVPFVLTQDF
LIVISKGAQECTKTREFERFQEMCYKAYLAIRQHANLFINLFSMMLGSGMPELQSFDDIAYIRKTLALDKTEQEALEYFM
KQMNDAHHGGWTTKMDWIFHTIKQHALNHHHHHH
;
A
2 'polypeptide(L)'
;MEYMPMEHNLQYLPPKPPKPTTVANNGMNNNMSLQDAEWYWGDISREEVNEKLRDTADGTFLVRDASTKMHGDYTLTLRK
GGNNKLIKIFHRDGKYGFSDPLTFSSVVELINHYRNESLAQYNPKLDVKLLYPVSKYQQDQVVKEDNIEAVGKKLHEYNT
QFQEKSREYDRLYEEYTRTSQEIQMKRTAIEAFNETIKIFEEQCQTQERYSKEYIEKFKREGNEKEIQRIMHNYDKLKSR
ISEIIDSRRRLEEDLKKQAAEYREIDKRMNSIKPDLIQLRKTRDQYLMWLTQKGVRQKKLNEWLGNENTEDQYSLVEDDE
DLP
;
B
#
# COMPACT_ATOMS: atom_id res chain seq x y z
N PRO A 2 2.77 22.08 -1.18
CA PRO A 2 1.96 20.91 -0.85
C PRO A 2 1.33 20.29 -2.08
N PRO A 3 0.77 19.09 -1.96
CA PRO A 3 0.00 18.52 -3.08
C PRO A 3 -1.25 19.34 -3.35
N ARG A 4 -1.76 19.21 -4.58
CA ARG A 4 -2.95 19.95 -4.94
C ARG A 4 -4.15 19.43 -4.16
N PRO A 5 -4.99 20.32 -3.61
CA PRO A 5 -6.14 19.84 -2.83
C PRO A 5 -7.16 19.09 -3.65
N SER A 6 -7.40 19.52 -4.89
CA SER A 6 -8.34 18.87 -5.78
C SER A 6 -7.74 18.81 -7.18
N SER A 7 -8.43 18.13 -8.08
CA SER A 7 -8.03 18.03 -9.48
C SER A 7 -8.74 19.04 -10.36
N GLY A 8 -9.43 20.02 -9.77
CA GLY A 8 -10.13 21.02 -10.54
C GLY A 8 -9.20 21.95 -11.29
N GLU A 9 -9.81 22.78 -12.14
CA GLU A 9 -9.04 23.70 -12.98
C GLU A 9 -8.74 25.02 -12.27
N LEU A 10 -9.45 25.32 -11.19
CA LEU A 10 -9.15 26.45 -10.32
C LEU A 10 -9.42 26.03 -8.88
N TRP A 11 -8.89 26.80 -7.94
CA TRP A 11 -9.16 26.54 -6.53
C TRP A 11 -10.62 26.85 -6.24
N GLY A 12 -11.35 25.85 -5.73
CA GLY A 12 -12.76 25.99 -5.48
C GLY A 12 -13.64 25.86 -6.71
N ILE A 13 -13.07 25.84 -7.90
CA ILE A 13 -13.81 25.73 -9.14
C ILE A 13 -13.32 24.48 -9.86
N HIS A 14 -14.16 23.44 -9.90
CA HIS A 14 -13.77 22.19 -10.55
C HIS A 14 -13.55 22.39 -12.04
N LEU A 15 -14.42 23.17 -12.69
CA LEU A 15 -14.40 23.32 -14.14
C LEU A 15 -14.54 24.79 -14.49
N MET A 16 -13.61 25.29 -15.30
CA MET A 16 -13.69 26.67 -15.77
C MET A 16 -14.92 26.84 -16.66
N PRO A 17 -15.56 28.01 -16.62
CA PRO A 17 -16.61 28.32 -17.59
C PRO A 17 -16.02 28.46 -18.97
N PRO A 18 -16.85 28.45 -20.02
CA PRO A 18 -16.31 28.57 -21.39
C PRO A 18 -15.41 29.79 -21.58
N ARG A 19 -15.76 30.92 -20.98
CA ARG A 19 -14.93 32.11 -21.00
C ARG A 19 -14.65 32.56 -19.56
N ILE A 20 -13.48 33.17 -19.35
CA ILE A 20 -13.04 33.52 -18.02
C ILE A 20 -12.11 34.74 -18.11
N LEU A 21 -12.27 35.67 -17.17
CA LEU A 21 -11.41 36.84 -17.13
C LEU A 21 -10.10 36.51 -16.42
N VAL A 22 -9.00 36.98 -17.02
CA VAL A 22 -7.66 36.68 -16.52
C VAL A 22 -6.94 37.99 -16.25
N GLU A 23 -6.47 38.17 -15.02
CA GLU A 23 -5.69 39.35 -14.65
C GLU A 23 -4.26 39.17 -15.15
N CYS A 24 -3.86 39.99 -16.11
CA CYS A 24 -2.53 39.90 -16.71
C CYS A 24 -1.65 41.00 -16.15
N LEU A 25 -0.58 40.60 -15.45
CA LEU A 25 0.33 41.53 -14.79
C LEU A 25 1.51 41.77 -15.72
N LEU A 26 1.51 42.91 -16.40
CA LEU A 26 2.58 43.26 -17.32
C LEU A 26 3.84 43.64 -16.57
N PRO A 27 5.00 43.48 -17.20
CA PRO A 27 6.28 43.81 -16.56
C PRO A 27 6.53 45.31 -16.42
N ASN A 28 5.55 46.16 -16.75
CA ASN A 28 5.67 47.60 -16.54
C ASN A 28 4.81 48.08 -15.38
N GLY A 29 4.19 47.16 -14.63
CA GLY A 29 3.33 47.51 -13.54
C GLY A 29 1.85 47.58 -13.88
N MET A 30 1.51 47.60 -15.17
CA MET A 30 0.12 47.67 -15.58
C MET A 30 -0.57 46.32 -15.38
N ILE A 31 -1.90 46.37 -15.30
CA ILE A 31 -2.72 45.18 -15.12
C ILE A 31 -3.86 45.24 -16.13
N VAL A 32 -3.97 44.21 -16.96
CA VAL A 32 -4.95 44.17 -18.05
C VAL A 32 -5.84 42.95 -17.84
N THR A 33 -7.14 43.17 -17.76
CA THR A 33 -8.12 42.09 -17.69
C THR A 33 -8.44 41.61 -19.11
N LEU A 34 -8.33 40.30 -19.32
CA LEU A 34 -8.45 39.71 -20.65
C LEU A 34 -9.40 38.52 -20.58
N GLU A 35 -10.47 38.57 -21.37
CA GLU A 35 -11.40 37.44 -21.44
C GLU A 35 -10.81 36.38 -22.36
N CYS A 36 -10.62 35.17 -21.81
CA CYS A 36 -10.00 34.08 -22.53
C CYS A 36 -10.93 32.88 -22.55
N LEU A 37 -10.82 32.08 -23.60
CA LEU A 37 -11.46 30.77 -23.64
C LEU A 37 -10.68 29.80 -22.76
N ARG A 38 -11.41 28.94 -22.04
CA ARG A 38 -10.77 28.05 -21.09
C ARG A 38 -9.80 27.08 -21.75
N GLU A 39 -9.96 26.79 -23.04
CA GLU A 39 -9.10 25.88 -23.75
C GLU A 39 -8.07 26.60 -24.62
N ALA A 40 -7.88 27.89 -24.43
CA ALA A 40 -6.93 28.65 -25.23
C ALA A 40 -5.51 28.41 -24.75
N THR A 41 -4.58 28.28 -25.71
CA THR A 41 -3.18 28.04 -25.38
C THR A 41 -2.51 29.34 -24.94
N LEU A 42 -1.35 29.20 -24.29
CA LEU A 42 -0.63 30.37 -23.80
C LEU A 42 -0.04 31.19 -24.94
N ILE A 43 0.21 30.57 -26.10
CA ILE A 43 0.63 31.34 -27.27
C ILE A 43 -0.47 32.31 -27.68
N THR A 44 -1.71 31.82 -27.73
CA THR A 44 -2.83 32.68 -28.11
C THR A 44 -3.08 33.76 -27.07
N ILE A 45 -2.98 33.42 -25.79
CA ILE A 45 -3.28 34.39 -24.74
C ILE A 45 -2.21 35.47 -24.69
N LYS A 46 -0.94 35.10 -24.88
CA LYS A 46 0.12 36.10 -24.87
C LYS A 46 0.02 37.03 -26.07
N HIS A 47 -0.45 36.52 -27.21
CA HIS A 47 -0.63 37.39 -28.38
C HIS A 47 -1.83 38.31 -28.18
N GLU A 48 -2.90 37.80 -27.58
CA GLU A 48 -4.06 38.66 -27.29
C GLU A 48 -3.73 39.68 -26.22
N LEU A 49 -2.84 39.35 -25.29
CA LEU A 49 -2.50 40.28 -24.22
C LEU A 49 -1.71 41.46 -24.77
N PHE A 50 -0.63 41.20 -25.51
CA PHE A 50 0.20 42.28 -26.03
C PHE A 50 -0.49 43.10 -27.11
N LYS A 51 -1.51 42.54 -27.78
CA LYS A 51 -2.31 43.34 -28.68
C LYS A 51 -3.17 44.35 -27.92
N GLU A 52 -3.60 44.00 -26.71
CA GLU A 52 -4.38 44.90 -25.87
C GLU A 52 -3.50 45.82 -25.02
N ALA A 53 -2.27 45.41 -24.72
CA ALA A 53 -1.39 46.21 -23.90
C ALA A 53 -1.01 47.53 -24.55
N ARG A 54 -1.08 47.62 -25.88
CA ARG A 54 -0.82 48.88 -26.56
C ARG A 54 -1.83 49.97 -26.20
N LYS A 55 -3.01 49.58 -25.74
CA LYS A 55 -4.05 50.51 -25.35
C LYS A 55 -3.96 50.92 -23.88
N TYR A 56 -2.89 50.53 -23.19
CA TYR A 56 -2.64 50.84 -21.79
C TYR A 56 -1.38 51.67 -21.65
N PRO A 57 -1.27 52.47 -20.58
CA PRO A 57 -0.10 53.35 -20.43
C PRO A 57 1.20 52.56 -20.30
N LEU A 58 2.30 53.27 -20.58
CA LEU A 58 3.66 52.74 -20.46
C LEU A 58 3.90 51.52 -21.34
N HIS A 59 3.14 51.41 -22.44
CA HIS A 59 3.32 50.29 -23.36
C HIS A 59 4.61 50.39 -24.15
N GLN A 60 5.19 51.58 -24.26
CA GLN A 60 6.48 51.74 -24.92
C GLN A 60 7.58 50.99 -24.17
N LEU A 61 7.40 50.74 -22.88
CA LEU A 61 8.41 50.03 -22.10
C LEU A 61 8.43 48.54 -22.40
N LEU A 62 7.28 47.99 -22.79
CA LEU A 62 7.18 46.55 -23.02
C LEU A 62 8.00 46.13 -24.25
N GLN A 63 8.70 45.02 -24.12
CA GLN A 63 9.50 44.48 -25.21
C GLN A 63 8.63 43.63 -26.13
N ASP A 64 9.26 42.88 -27.03
CA ASP A 64 8.54 41.94 -27.88
C ASP A 64 7.99 40.80 -27.04
N GLU A 65 6.82 40.30 -27.43
CA GLU A 65 6.20 39.23 -26.65
C GLU A 65 7.01 37.95 -26.69
N SER A 66 7.84 37.76 -27.72
CA SER A 66 8.65 36.55 -27.81
C SER A 66 9.67 36.47 -26.68
N SER A 67 10.06 37.62 -26.13
CA SER A 67 11.06 37.66 -25.06
C SER A 67 10.47 37.37 -23.69
N TYR A 68 9.18 37.03 -23.60
CA TYR A 68 8.49 36.85 -22.34
C TYR A 68 7.86 35.48 -22.26
N ILE A 69 7.62 35.04 -21.01
CA ILE A 69 6.81 33.86 -20.71
C ILE A 69 5.88 34.22 -19.56
N PHE A 70 4.92 33.33 -19.31
CA PHE A 70 3.97 33.52 -18.22
C PHE A 70 4.43 32.77 -16.97
N VAL A 71 4.11 33.34 -15.82
CA VAL A 71 4.37 32.73 -14.53
C VAL A 71 3.14 32.97 -13.65
N SER A 72 2.82 32.00 -12.80
CA SER A 72 1.61 32.09 -12.00
C SER A 72 1.75 31.17 -10.78
N VAL A 73 0.80 31.30 -9.87
CA VAL A 73 0.76 30.48 -8.66
C VAL A 73 -0.12 29.27 -8.95
N THR A 74 0.46 28.07 -8.79
CA THR A 74 -0.26 26.82 -8.98
C THR A 74 -1.10 26.51 -7.73
N GLN A 75 -2.08 25.62 -7.91
CA GLN A 75 -2.85 25.13 -6.77
C GLN A 75 -1.97 24.43 -5.74
N GLU A 76 -0.77 24.02 -6.11
CA GLU A 76 0.21 23.47 -5.20
C GLU A 76 1.08 24.55 -4.55
N ALA A 77 0.63 25.82 -4.63
CA ALA A 77 1.32 26.98 -4.06
C ALA A 77 2.70 27.20 -4.67
N GLU A 78 2.95 26.69 -5.86
CA GLU A 78 4.24 26.84 -6.52
C GLU A 78 4.20 28.01 -7.49
N ARG A 79 5.33 28.73 -7.57
CA ARG A 79 5.48 29.84 -8.52
C ARG A 79 6.05 29.26 -9.82
N GLU A 80 5.17 28.66 -10.61
CA GLU A 80 5.57 27.89 -11.79
C GLU A 80 5.74 28.80 -13.01
N GLU A 81 6.81 28.57 -13.75
CA GLU A 81 7.09 29.28 -14.99
C GLU A 81 6.69 28.39 -16.17
N PHE A 82 5.90 28.95 -17.09
CA PHE A 82 5.31 28.18 -18.18
C PHE A 82 6.17 28.33 -19.44
N PHE A 83 7.19 27.49 -19.53
CA PHE A 83 8.02 27.46 -20.73
C PHE A 83 7.31 26.78 -21.89
N ASP A 84 6.40 25.86 -21.60
CA ASP A 84 5.64 25.15 -22.64
C ASP A 84 4.40 25.97 -22.95
N GLU A 85 4.52 26.87 -23.93
CA GLU A 85 3.44 27.78 -24.27
C GLU A 85 2.36 27.15 -25.13
N THR A 86 2.48 25.86 -25.46
CA THR A 86 1.43 25.15 -26.18
C THR A 86 0.41 24.51 -25.24
N ARG A 87 0.41 24.90 -23.97
CA ARG A 87 -0.49 24.33 -22.98
C ARG A 87 -1.74 25.19 -22.85
N ARG A 88 -2.87 24.53 -22.60
CA ARG A 88 -4.14 25.23 -22.47
C ARG A 88 -4.27 25.86 -21.09
N LEU A 89 -5.11 26.90 -21.01
CA LEU A 89 -5.31 27.60 -19.75
C LEU A 89 -5.92 26.69 -18.69
N CYS A 90 -6.85 25.82 -19.08
CA CYS A 90 -7.51 24.93 -18.14
C CYS A 90 -6.60 23.82 -17.63
N ASP A 91 -5.45 23.59 -18.26
CA ASP A 91 -4.52 22.55 -17.86
C ASP A 91 -3.37 23.07 -17.00
N LEU A 92 -3.35 24.38 -16.71
CA LEU A 92 -2.25 24.97 -15.94
C LEU A 92 -2.40 24.75 -14.44
N ARG A 93 -3.53 24.24 -13.97
CA ARG A 93 -3.78 24.00 -12.55
C ARG A 93 -3.57 25.27 -11.74
N LEU A 94 -4.18 26.36 -12.20
CA LEU A 94 -4.00 27.66 -11.57
C LEU A 94 -4.78 27.73 -10.25
N PHE A 95 -4.20 28.42 -9.27
CA PHE A 95 -4.90 28.67 -8.02
C PHE A 95 -5.96 29.75 -8.19
N GLN A 96 -5.65 30.80 -8.95
CA GLN A 96 -6.57 31.88 -9.27
C GLN A 96 -6.29 32.36 -10.68
N PRO A 97 -7.29 32.93 -11.37
CA PRO A 97 -7.10 33.32 -12.78
C PRO A 97 -6.28 34.58 -12.99
N PHE A 98 -4.96 34.43 -12.92
CA PHE A 98 -4.06 35.54 -13.21
C PHE A 98 -2.76 34.98 -13.78
N LEU A 99 -2.07 35.83 -14.53
CA LEU A 99 -0.79 35.49 -15.14
C LEU A 99 0.13 36.70 -15.05
N LYS A 100 1.38 36.46 -14.67
CA LYS A 100 2.40 37.50 -14.61
C LYS A 100 3.40 37.30 -15.74
N VAL A 101 3.74 38.39 -16.42
CA VAL A 101 4.66 38.36 -17.55
C VAL A 101 6.06 38.64 -17.04
N ILE A 102 6.99 37.71 -17.29
CA ILE A 102 8.38 37.83 -16.85
C ILE A 102 9.29 37.39 -17.98
N GLU A 103 10.59 37.66 -17.80
CA GLU A 103 11.62 37.22 -18.74
C GLU A 103 12.28 35.96 -18.20
N PRO A 104 12.48 34.93 -19.04
CA PRO A 104 13.05 33.68 -18.55
C PRO A 104 14.50 33.87 -18.12
N VAL A 105 14.83 33.27 -16.97
CA VAL A 105 16.18 33.29 -16.43
C VAL A 105 16.54 31.87 -16.00
N GLY A 106 17.78 31.70 -15.55
CA GLY A 106 18.22 30.43 -15.02
C GLY A 106 18.33 29.34 -16.09
N ASN A 107 18.57 28.13 -15.61
CA ASN A 107 18.71 26.96 -16.48
C ASN A 107 17.33 26.56 -16.99
N ARG A 108 17.06 26.84 -18.26
CA ARG A 108 15.74 26.57 -18.83
C ARG A 108 15.46 25.07 -18.87
N GLU A 109 16.43 24.28 -19.36
CA GLU A 109 16.19 22.85 -19.53
C GLU A 109 16.05 22.14 -18.19
N GLU A 110 16.80 22.58 -17.18
CA GLU A 110 16.65 22.00 -15.85
C GLU A 110 15.29 22.33 -15.25
N LYS A 111 14.77 23.53 -15.52
CA LYS A 111 13.45 23.90 -15.00
C LYS A 111 12.34 23.12 -15.71
N ILE A 112 12.54 22.77 -16.98
CA ILE A 112 11.52 22.01 -17.70
C ILE A 112 11.45 20.58 -17.19
N LEU A 113 12.62 19.99 -16.86
CA LEU A 113 12.62 18.63 -16.34
C LEU A 113 12.07 18.57 -14.93
N ASN A 114 12.43 19.54 -14.08
CA ASN A 114 11.89 19.58 -12.72
C ASN A 114 10.38 19.78 -12.73
N ARG A 115 9.85 20.46 -13.74
CA ARG A 115 8.40 20.61 -13.85
C ARG A 115 7.73 19.29 -14.22
N GLU A 116 8.34 18.53 -15.13
CA GLU A 116 7.76 17.26 -15.55
C GLU A 116 7.89 16.20 -14.47
N ILE A 117 8.96 16.25 -13.68
CA ILE A 117 9.11 15.31 -12.56
C ILE A 117 8.10 15.62 -11.48
N GLY A 118 7.97 16.90 -11.12
CA GLY A 118 6.99 17.29 -10.11
C GLY A 118 5.56 17.06 -10.53
N PHE A 119 5.31 16.93 -11.83
CA PHE A 119 3.96 16.63 -12.30
C PHE A 119 3.63 15.15 -12.12
N ALA A 120 4.60 14.27 -12.38
CA ALA A 120 4.37 12.84 -12.22
C ALA A 120 4.22 12.46 -10.74
N ILE A 121 4.98 13.12 -9.86
CA ILE A 121 4.92 12.80 -8.44
C ILE A 121 3.72 13.46 -7.75
N GLY A 122 3.22 14.56 -8.30
CA GLY A 122 2.16 15.30 -7.64
C GLY A 122 2.63 16.23 -6.56
N MET A 123 3.89 16.67 -6.62
CA MET A 123 4.50 17.50 -5.60
C MET A 123 5.63 18.28 -6.24
N PRO A 124 5.72 19.58 -5.99
CA PRO A 124 6.81 20.38 -6.57
C PRO A 124 8.16 19.88 -6.08
N VAL A 125 9.08 19.68 -7.03
CA VAL A 125 10.43 19.20 -6.70
C VAL A 125 11.15 20.22 -5.84
N CYS A 126 10.82 21.51 -5.98
CA CYS A 126 11.51 22.56 -5.24
C CYS A 126 11.31 22.45 -3.73
N GLU A 127 10.28 21.73 -3.28
CA GLU A 127 10.06 21.56 -1.85
C GLU A 127 11.10 20.63 -1.23
N PHE A 128 11.72 19.75 -2.02
CA PHE A 128 12.81 18.94 -1.51
C PHE A 128 14.06 19.79 -1.26
N ASP A 129 14.22 20.88 -2.01
CA ASP A 129 15.36 21.77 -1.79
C ASP A 129 15.25 22.51 -0.47
N MET A 130 14.03 22.68 0.06
CA MET A 130 13.83 23.43 1.29
C MET A 130 14.06 22.59 2.54
N VAL A 131 14.22 21.28 2.41
CA VAL A 131 14.34 20.41 3.58
C VAL A 131 15.70 20.63 4.24
N LYS A 132 15.68 20.93 5.53
CA LYS A 132 16.91 21.14 6.28
C LYS A 132 17.55 19.83 6.74
N ASP A 133 16.79 18.74 6.73
CA ASP A 133 17.27 17.44 7.20
C ASP A 133 18.51 17.02 6.41
N PRO A 134 19.66 16.83 7.06
CA PRO A 134 20.85 16.40 6.33
C PRO A 134 20.71 15.04 5.67
N GLU A 135 19.91 14.14 6.26
CA GLU A 135 19.72 12.82 5.66
C GLU A 135 18.96 12.92 4.34
N VAL A 136 17.98 13.82 4.28
CA VAL A 136 17.18 13.98 3.06
C VAL A 136 18.06 14.44 1.90
N GLN A 137 18.88 15.48 2.14
CA GLN A 137 19.76 15.97 1.08
C GLN A 137 20.82 14.96 0.71
N ASP A 138 21.31 14.18 1.69
CA ASP A 138 22.28 13.14 1.38
C ASP A 138 21.67 12.04 0.52
N PHE A 139 20.39 11.72 0.73
CA PHE A 139 19.73 10.73 -0.12
C PHE A 139 19.63 11.21 -1.56
N ARG A 140 19.36 12.50 -1.75
CA ARG A 140 19.19 13.02 -3.10
C ARG A 140 20.50 12.99 -3.88
N ARG A 141 21.64 13.16 -3.21
CA ARG A 141 22.93 13.13 -3.89
C ARG A 141 23.49 11.72 -4.00
N ASN A 142 23.33 10.90 -2.96
CA ASN A 142 23.94 9.57 -2.97
C ASN A 142 23.17 8.59 -3.85
N ILE A 143 21.84 8.74 -3.98
CA ILE A 143 21.06 7.84 -4.80
C ILE A 143 21.34 8.02 -6.28
N LEU A 144 21.99 9.12 -6.68
CA LEU A 144 22.31 9.34 -8.07
C LEU A 144 23.31 8.31 -8.61
N ASN A 145 24.03 7.62 -7.73
CA ASN A 145 24.89 6.52 -8.18
C ASN A 145 24.08 5.43 -8.85
N VAL A 146 22.94 5.07 -8.26
CA VAL A 146 22.06 4.05 -8.86
C VAL A 146 21.55 4.53 -10.20
N CYS A 147 21.20 5.81 -10.31
CA CYS A 147 20.69 6.35 -11.56
C CYS A 147 21.75 6.30 -12.66
N LYS A 148 22.99 6.65 -12.33
CA LYS A 148 24.05 6.61 -13.33
C LYS A 148 24.39 5.17 -13.72
N GLU A 149 24.42 4.26 -12.74
CA GLU A 149 24.76 2.87 -13.05
C GLU A 149 23.72 2.21 -13.92
N ALA A 150 22.45 2.60 -13.80
CA ALA A 150 21.39 1.98 -14.58
C ALA A 150 21.33 2.55 -15.99
N VAL A 151 21.50 3.86 -16.14
CA VAL A 151 21.47 4.47 -17.47
C VAL A 151 22.69 4.06 -18.27
N ASP A 152 23.85 3.93 -17.60
CA ASP A 152 25.03 3.42 -18.28
C ASP A 152 24.83 1.97 -18.72
N LEU A 153 24.18 1.16 -17.88
CA LEU A 153 23.87 -0.20 -18.25
C LEU A 153 22.79 -0.27 -19.33
N ARG A 154 22.03 0.81 -19.52
CA ARG A 154 20.94 0.80 -20.48
C ARG A 154 21.42 1.11 -21.89
N ASP A 155 22.54 1.82 -22.04
CA ASP A 155 23.13 2.08 -23.34
C ASP A 155 24.55 1.54 -23.45
N LEU A 156 24.96 0.70 -22.51
CA LEU A 156 26.24 -0.01 -22.66
C LEU A 156 26.26 -0.81 -23.96
N ASN A 157 25.13 -1.41 -24.31
CA ASN A 157 24.99 -2.19 -25.53
C ASN A 157 24.28 -1.34 -26.59
N SER A 158 24.01 -1.96 -27.73
CA SER A 158 23.38 -1.34 -28.90
C SER A 158 21.91 -1.02 -28.60
N PRO A 159 21.11 -0.54 -29.58
CA PRO A 159 19.67 -0.33 -29.31
C PRO A 159 18.95 -1.55 -28.72
N HIS A 160 19.55 -2.73 -28.84
CA HIS A 160 18.95 -3.92 -28.22
C HIS A 160 18.86 -3.75 -26.70
N SER A 161 19.87 -3.13 -26.08
CA SER A 161 19.79 -2.88 -24.65
C SER A 161 18.66 -1.92 -24.32
N ARG A 162 18.47 -0.88 -25.13
CA ARG A 162 17.35 0.02 -24.94
C ARG A 162 16.02 -0.66 -25.21
N ALA A 163 16.00 -1.67 -26.08
CA ALA A 163 14.79 -2.42 -26.35
C ALA A 163 14.46 -3.38 -25.21
N MET A 164 15.49 -4.02 -24.65
CA MET A 164 15.28 -4.86 -23.47
C MET A 164 14.79 -4.07 -22.28
N TYR A 165 15.07 -2.76 -22.24
CA TYR A 165 14.58 -1.92 -21.16
C TYR A 165 13.11 -1.53 -21.38
N VAL A 166 12.78 -1.06 -22.57
CA VAL A 166 11.41 -0.61 -22.85
C VAL A 166 10.47 -1.80 -22.90
N TYR A 167 10.83 -2.83 -23.67
CA TYR A 167 10.00 -4.01 -23.87
C TYR A 167 10.76 -5.23 -23.34
N PRO A 168 10.73 -5.47 -22.04
CA PRO A 168 11.43 -6.62 -21.48
C PRO A 168 10.70 -7.91 -21.81
N PRO A 169 11.37 -9.06 -21.74
CA PRO A 169 10.69 -10.34 -21.98
C PRO A 169 9.80 -10.69 -20.80
N ASN A 170 8.52 -10.94 -21.10
CA ASN A 170 7.56 -11.38 -20.08
C ASN A 170 7.55 -12.90 -20.05
N VAL A 171 8.51 -13.45 -19.29
CA VAL A 171 8.74 -14.89 -19.27
C VAL A 171 8.54 -15.41 -17.84
N GLU A 172 8.31 -16.71 -17.74
CA GLU A 172 8.21 -17.39 -16.46
C GLU A 172 9.59 -17.50 -15.81
N SER A 173 9.60 -17.95 -14.56
CA SER A 173 10.84 -18.07 -13.82
C SER A 173 11.60 -19.36 -14.14
N SER A 174 10.97 -20.32 -14.80
CA SER A 174 11.60 -21.60 -15.09
C SER A 174 11.26 -22.07 -16.49
N PRO A 175 12.23 -22.61 -17.24
CA PRO A 175 11.92 -23.12 -18.59
C PRO A 175 11.18 -24.44 -18.58
N GLU A 176 11.17 -25.15 -17.45
CA GLU A 176 10.52 -26.46 -17.39
C GLU A 176 9.01 -26.33 -17.51
N LEU A 177 8.38 -27.36 -18.04
CA LEU A 177 6.93 -27.38 -18.22
C LEU A 177 6.29 -28.40 -17.31
N PRO A 178 5.18 -28.06 -16.65
CA PRO A 178 4.42 -29.08 -15.92
C PRO A 178 3.94 -30.17 -16.88
N LYS A 179 3.82 -31.38 -16.34
CA LYS A 179 3.46 -32.51 -17.20
C LYS A 179 2.03 -32.40 -17.72
N HIS A 180 1.16 -31.64 -17.07
CA HIS A 180 -0.17 -31.39 -17.61
C HIS A 180 -0.17 -30.31 -18.68
N ILE A 181 0.92 -29.55 -18.80
CA ILE A 181 1.08 -28.61 -19.90
C ILE A 181 1.69 -29.29 -21.11
N TYR A 182 2.68 -30.16 -20.88
CA TYR A 182 3.35 -30.85 -21.97
C TYR A 182 2.42 -31.84 -22.69
N ASN A 183 1.48 -32.44 -21.95
CA ASN A 183 0.57 -33.41 -22.55
C ASN A 183 -0.40 -32.77 -23.54
N LYS A 184 -0.55 -31.44 -23.51
CA LYS A 184 -1.36 -30.76 -24.49
C LYS A 184 -0.62 -30.50 -25.79
N LEU A 185 0.71 -30.65 -25.79
CA LEU A 185 1.51 -30.50 -26.99
C LEU A 185 1.41 -31.74 -27.87
N ASP A 186 1.67 -31.55 -29.16
CA ASP A 186 1.68 -32.65 -30.12
C ASP A 186 3.12 -33.15 -30.23
N LYS A 187 3.46 -34.12 -29.38
CA LYS A 187 4.79 -34.72 -29.34
C LYS A 187 5.87 -33.67 -29.09
N GLY A 188 5.59 -32.77 -28.14
CA GLY A 188 6.54 -31.73 -27.78
C GLY A 188 6.62 -30.57 -28.74
N GLN A 189 5.69 -30.45 -29.69
CA GLN A 189 5.70 -29.39 -30.67
C GLN A 189 4.41 -28.58 -30.58
N ILE A 190 4.50 -27.30 -30.97
CA ILE A 190 3.40 -26.34 -30.85
C ILE A 190 3.11 -25.76 -32.23
N ILE A 191 1.83 -25.55 -32.50
CA ILE A 191 1.37 -24.93 -33.74
C ILE A 191 1.16 -23.45 -33.46
N VAL A 192 1.97 -22.60 -34.10
CA VAL A 192 1.85 -21.15 -33.96
C VAL A 192 1.61 -20.55 -35.33
N VAL A 193 1.13 -19.31 -35.34
CA VAL A 193 0.82 -18.58 -36.56
C VAL A 193 1.64 -17.30 -36.57
N ILE A 194 2.55 -17.19 -37.54
CA ILE A 194 3.38 -16.00 -37.71
C ILE A 194 2.75 -15.14 -38.79
N TRP A 195 2.60 -13.84 -38.49
CA TRP A 195 2.02 -12.88 -39.42
C TRP A 195 3.11 -11.93 -39.91
N VAL A 196 3.01 -11.52 -41.16
CA VAL A 196 3.93 -10.54 -41.74
C VAL A 196 3.11 -9.46 -42.44
N ILE A 197 3.45 -8.20 -42.17
CA ILE A 197 2.81 -7.06 -42.81
C ILE A 197 3.73 -6.58 -43.92
N VAL A 198 3.32 -6.77 -45.17
CA VAL A 198 4.15 -6.37 -46.29
C VAL A 198 4.26 -4.85 -46.35
N SER A 199 5.25 -4.38 -47.10
CA SER A 199 5.53 -2.94 -47.16
C SER A 199 4.39 -2.13 -47.76
N PRO A 200 3.88 -2.44 -48.96
CA PRO A 200 2.80 -1.60 -49.51
C PRO A 200 1.41 -2.13 -49.17
N ASN A 201 0.51 -1.18 -48.89
CA ASN A 201 -0.88 -1.40 -48.50
C ASN A 201 -1.02 -2.14 -47.17
N ASN A 202 0.08 -2.54 -46.53
CA ASN A 202 0.05 -3.23 -45.24
C ASN A 202 -0.81 -4.49 -45.29
N ASP A 203 -0.50 -5.36 -46.24
CA ASP A 203 -1.21 -6.63 -46.39
C ASP A 203 -0.65 -7.64 -45.40
N LYS A 204 -1.54 -8.32 -44.69
CA LYS A 204 -1.17 -9.31 -43.69
C LYS A 204 -1.22 -10.71 -44.29
N GLN A 205 -0.20 -11.50 -44.01
CA GLN A 205 -0.10 -12.86 -44.52
C GLN A 205 0.01 -13.85 -43.36
N LYS A 206 -0.67 -14.98 -43.51
CA LYS A 206 -0.77 -15.99 -42.47
C LYS A 206 0.23 -17.12 -42.74
N TYR A 207 0.94 -17.55 -41.68
CA TYR A 207 1.97 -18.58 -41.78
C TYR A 207 1.86 -19.50 -40.56
N THR A 208 1.07 -20.57 -40.70
CA THR A 208 0.98 -21.57 -39.65
C THR A 208 2.19 -22.52 -39.75
N LEU A 209 2.85 -22.75 -38.62
CA LEU A 209 4.02 -23.60 -38.61
C LEU A 209 4.11 -24.33 -37.28
N LYS A 210 4.67 -25.54 -37.31
CA LYS A 210 4.82 -26.38 -36.13
C LYS A 210 6.30 -26.55 -35.83
N ILE A 211 6.70 -26.18 -34.60
CA ILE A 211 8.08 -26.21 -34.16
C ILE A 211 8.13 -26.79 -32.75
N ASN A 212 9.36 -27.06 -32.29
CA ASN A 212 9.53 -27.52 -30.92
C ASN A 212 9.05 -26.45 -29.94
N HIS A 213 8.55 -26.91 -28.79
CA HIS A 213 7.99 -25.98 -27.81
C HIS A 213 9.07 -25.04 -27.26
N ASP A 214 10.30 -25.53 -27.12
CA ASP A 214 11.39 -24.74 -26.55
C ASP A 214 12.27 -24.11 -27.63
N CYS A 215 11.69 -23.78 -28.78
CA CYS A 215 12.46 -23.12 -29.84
C CYS A 215 12.76 -21.67 -29.45
N VAL A 216 14.03 -21.31 -29.51
CA VAL A 216 14.49 -19.93 -29.34
C VAL A 216 13.78 -19.07 -30.39
N PRO A 217 13.43 -17.82 -30.09
CA PRO A 217 12.71 -17.00 -31.08
C PRO A 217 13.36 -16.94 -32.45
N GLU A 218 14.70 -16.98 -32.53
CA GLU A 218 15.36 -16.99 -33.83
C GLU A 218 15.06 -18.27 -34.60
N GLN A 219 14.90 -19.39 -33.90
CA GLN A 219 14.50 -20.62 -34.56
C GLN A 219 13.10 -20.51 -35.15
N VAL A 220 12.19 -19.82 -34.44
CA VAL A 220 10.84 -19.60 -34.95
C VAL A 220 10.89 -18.80 -36.25
N ILE A 221 11.74 -17.78 -36.29
CA ILE A 221 11.87 -16.96 -37.51
C ILE A 221 12.40 -17.81 -38.65
N ALA A 222 13.35 -18.70 -38.36
CA ALA A 222 13.96 -19.52 -39.42
C ALA A 222 12.93 -20.42 -40.09
N GLU A 223 12.02 -21.01 -39.30
CA GLU A 223 10.97 -21.83 -39.89
C GLU A 223 10.03 -20.99 -40.75
N ALA A 224 9.76 -19.75 -40.33
CA ALA A 224 8.91 -18.87 -41.12
C ALA A 224 9.56 -18.53 -42.45
N ILE A 225 10.88 -18.37 -42.46
CA ILE A 225 11.60 -18.11 -43.71
C ILE A 225 11.40 -19.26 -44.69
N ARG A 226 11.43 -20.50 -44.18
CA ARG A 226 11.20 -21.67 -45.00
C ARG A 226 9.71 -21.88 -45.25
N GLY A 248 19.21 -13.44 -40.92
CA GLY A 248 17.90 -13.48 -40.28
C GLY A 248 17.84 -12.71 -38.98
N LYS A 249 17.83 -11.37 -39.10
CA LYS A 249 17.79 -10.49 -37.94
C LYS A 249 16.46 -9.75 -37.92
N TYR A 250 15.44 -10.43 -37.38
CA TYR A 250 14.13 -9.85 -37.15
C TYR A 250 13.71 -10.19 -35.71
N ILE A 251 12.55 -9.68 -35.30
CA ILE A 251 12.04 -9.90 -33.96
C ILE A 251 10.56 -10.26 -34.04
N LEU A 252 10.08 -10.89 -32.97
CA LEU A 252 8.70 -11.34 -32.87
C LEU A 252 7.93 -10.45 -31.88
N LYS A 253 6.63 -10.30 -32.15
CA LYS A 253 5.77 -9.44 -31.35
C LYS A 253 4.40 -10.09 -31.21
N VAL A 254 3.82 -10.00 -30.01
CA VAL A 254 2.48 -10.53 -29.79
C VAL A 254 1.47 -9.67 -30.54
N CYS A 255 0.56 -10.32 -31.27
CA CYS A 255 -0.47 -9.62 -32.02
C CYS A 255 -1.49 -9.03 -31.05
N GLY A 256 -1.52 -7.70 -30.94
CA GLY A 256 -2.51 -7.01 -30.15
C GLY A 256 -1.98 -6.18 -29.00
N CYS A 257 -0.68 -6.23 -28.70
CA CYS A 257 -0.12 -5.48 -27.58
C CYS A 257 1.37 -5.29 -27.83
N ASP A 258 2.01 -4.59 -26.89
CA ASP A 258 3.44 -4.27 -26.99
C ASP A 258 4.25 -5.25 -26.15
N GLU A 259 4.30 -6.49 -26.64
CA GLU A 259 5.09 -7.55 -26.02
C GLU A 259 5.98 -8.17 -27.08
N TYR A 260 7.28 -8.23 -26.80
CA TYR A 260 8.26 -8.66 -27.79
C TYR A 260 9.08 -9.83 -27.27
N PHE A 261 9.54 -10.67 -28.20
CA PHE A 261 10.37 -11.84 -27.89
C PHE A 261 11.81 -11.50 -28.26
N LEU A 262 12.45 -10.70 -27.40
CA LEU A 262 13.77 -10.16 -27.73
C LEU A 262 14.90 -11.04 -27.22
N GLU A 263 14.75 -11.65 -26.06
CA GLU A 263 15.82 -12.47 -25.49
C GLU A 263 15.70 -13.92 -25.95
N LYS A 264 16.79 -14.66 -25.79
CA LYS A 264 16.88 -16.04 -26.27
C LYS A 264 16.28 -17.03 -25.28
N TYR A 265 15.10 -16.75 -24.76
CA TYR A 265 14.38 -17.71 -23.94
C TYR A 265 13.69 -18.73 -24.83
N PRO A 266 13.42 -19.94 -24.30
CA PRO A 266 12.58 -20.88 -25.03
C PRO A 266 11.19 -20.28 -25.25
N LEU A 267 10.59 -20.64 -26.41
CA LEU A 267 9.30 -20.07 -26.76
C LEU A 267 8.24 -20.40 -25.70
N SER A 268 8.28 -21.61 -25.17
CA SER A 268 7.30 -22.02 -24.17
C SER A 268 7.46 -21.25 -22.86
N GLN A 269 8.64 -20.70 -22.59
CA GLN A 269 8.85 -19.98 -21.33
C GLN A 269 8.20 -18.61 -21.33
N TYR A 270 7.97 -18.02 -22.49
CA TYR A 270 7.25 -16.75 -22.55
C TYR A 270 5.82 -16.94 -22.05
N LYS A 271 5.36 -16.01 -21.22
CA LYS A 271 4.07 -16.16 -20.55
C LYS A 271 2.92 -16.24 -21.55
N TYR A 272 3.01 -15.50 -22.65
CA TYR A 272 1.95 -15.54 -23.65
C TYR A 272 1.85 -16.93 -24.27
N ILE A 273 2.98 -17.50 -24.66
CA ILE A 273 2.96 -18.83 -25.27
C ILE A 273 2.56 -19.89 -24.24
N ARG A 274 3.04 -19.75 -23.01
CA ARG A 274 2.68 -20.70 -21.96
C ARG A 274 1.18 -20.69 -21.71
N SER A 275 0.55 -19.52 -21.79
CA SER A 275 -0.89 -19.43 -21.58
C SER A 275 -1.66 -20.02 -22.77
N CYS A 276 -1.14 -19.86 -23.98
CA CYS A 276 -1.81 -20.43 -25.15
C CYS A 276 -1.83 -21.94 -25.10
N ILE A 277 -0.76 -22.55 -24.61
CA ILE A 277 -0.72 -24.01 -24.50
C ILE A 277 -1.75 -24.50 -23.50
N MET A 278 -1.95 -23.74 -22.42
CA MET A 278 -2.95 -24.12 -21.42
C MET A 278 -4.36 -24.08 -22.01
N LEU A 279 -4.75 -22.92 -22.54
CA LEU A 279 -6.12 -22.70 -22.97
C LEU A 279 -6.45 -23.34 -24.31
N GLY A 280 -5.50 -24.01 -24.94
CA GLY A 280 -5.74 -24.55 -26.26
C GLY A 280 -5.94 -23.51 -27.34
N ARG A 281 -5.57 -22.26 -27.07
CA ARG A 281 -5.71 -21.19 -28.04
C ARG A 281 -4.52 -21.17 -28.99
N MET A 282 -4.73 -20.54 -30.15
CA MET A 282 -3.69 -20.46 -31.17
C MET A 282 -2.78 -19.26 -30.89
N PRO A 283 -1.47 -19.46 -30.73
CA PRO A 283 -0.57 -18.32 -30.51
C PRO A 283 -0.34 -17.55 -31.80
N ASN A 284 -0.77 -16.29 -31.83
CA ASN A 284 -0.64 -15.43 -33.00
C ASN A 284 0.50 -14.45 -32.75
N LEU A 285 1.59 -14.60 -33.50
CA LEU A 285 2.74 -13.71 -33.42
C LEU A 285 2.88 -12.92 -34.72
N MET A 286 3.72 -11.90 -34.67
CA MET A 286 3.93 -11.00 -35.80
C MET A 286 5.42 -10.78 -35.98
N LEU A 287 5.89 -10.89 -37.22
CA LEU A 287 7.29 -10.71 -37.57
C LEU A 287 7.50 -9.30 -38.11
N MET A 288 8.51 -8.61 -37.58
CA MET A 288 8.87 -7.27 -38.04
C MET A 288 10.38 -7.13 -38.01
N ALA A 289 10.88 -6.16 -38.78
CA ALA A 289 12.31 -5.94 -38.88
C ALA A 289 12.85 -5.36 -37.56
N LYS A 290 14.13 -5.64 -37.30
CA LYS A 290 14.75 -5.12 -36.09
C LYS A 290 14.83 -3.60 -36.11
N GLU A 291 15.11 -3.02 -37.28
CA GLU A 291 15.18 -1.56 -37.37
C GLU A 291 13.82 -0.90 -37.20
N SER A 292 12.73 -1.62 -37.49
CA SER A 292 11.40 -1.04 -37.31
C SER A 292 11.13 -0.69 -35.86
N LEU A 293 11.73 -1.43 -34.92
CA LEU A 293 11.59 -1.15 -33.49
C LEU A 293 12.79 -0.41 -32.92
N TYR A 294 14.00 -0.71 -33.39
CA TYR A 294 15.20 -0.09 -32.83
C TYR A 294 15.23 1.40 -33.12
N SER A 295 14.80 1.82 -34.31
CA SER A 295 14.74 3.25 -34.62
C SER A 295 13.55 3.92 -33.92
N GLN A 296 12.49 3.18 -33.65
CA GLN A 296 11.33 3.74 -32.97
C GLN A 296 11.66 4.11 -31.52
N LEU A 297 12.65 3.46 -30.93
CA LEU A 297 13.00 3.73 -29.54
C LEU A 297 13.71 5.07 -29.42
N PRO A 298 13.28 5.94 -28.52
CA PRO A 298 14.04 7.16 -28.24
C PRO A 298 15.30 6.84 -27.46
N MET A 299 16.21 7.80 -27.40
CA MET A 299 17.47 7.65 -26.70
C MET A 299 17.39 8.39 -25.36
N ASP A 300 17.38 7.62 -24.27
CA ASP A 300 17.30 8.19 -22.93
C ASP A 300 18.67 8.67 -22.47
N CYS A 301 18.76 9.94 -22.08
CA CYS A 301 20.01 10.52 -21.61
C CYS A 301 19.78 11.13 -20.22
N PHE A 302 20.45 10.56 -19.23
CA PHE A 302 20.37 11.07 -17.86
C PHE A 302 21.44 12.12 -17.63
N THR A 303 21.05 13.21 -16.96
CA THR A 303 21.95 14.30 -16.65
C THR A 303 21.91 14.59 -15.15
N MET A 304 23.04 15.02 -14.61
CA MET A 304 23.13 15.29 -13.19
C MET A 304 22.35 16.56 -12.84
N PRO A 305 21.57 16.55 -11.75
CA PRO A 305 20.78 17.73 -11.39
C PRO A 305 21.62 18.84 -10.79
N SER A 306 20.95 19.85 -10.22
CA SER A 306 21.66 21.01 -9.69
C SER A 306 22.23 20.74 -8.30
N TYR A 307 21.47 20.06 -7.44
CA TYR A 307 21.92 19.83 -6.07
C TYR A 307 23.13 18.91 -6.01
N SER A 308 23.41 18.15 -7.07
CA SER A 308 24.60 17.32 -7.10
C SER A 308 25.87 18.12 -7.33
N ARG A 309 25.76 19.34 -7.85
CA ARG A 309 26.92 20.20 -8.05
C ARG A 309 27.18 21.11 -6.86
N ARG A 310 26.13 21.60 -6.22
CA ARG A 310 26.27 22.46 -5.05
C ARG A 310 26.40 21.64 -3.77
N SER A 323 37.78 11.93 18.25
CA SER A 323 37.09 12.92 19.06
C SER A 323 35.68 12.47 19.39
N THR A 324 35.34 11.24 18.98
CA THR A 324 34.03 10.67 19.22
C THR A 324 34.19 9.35 19.96
N LYS A 325 33.45 9.19 21.06
CA LYS A 325 33.49 7.95 21.83
C LYS A 325 32.71 6.85 21.10
N SER A 326 32.89 5.63 21.56
CA SER A 326 32.21 4.47 21.01
C SER A 326 31.04 4.09 21.92
N LEU A 327 30.11 3.32 21.35
CA LEU A 327 28.94 2.88 22.12
C LEU A 327 29.34 1.94 23.25
N TRP A 328 30.32 1.07 23.00
CA TRP A 328 30.76 0.10 24.00
C TRP A 328 31.67 0.71 25.06
N VAL A 329 32.04 1.98 24.91
CA VAL A 329 32.83 2.66 25.93
C VAL A 329 31.94 3.27 27.01
N ILE A 330 30.71 3.64 26.66
CA ILE A 330 29.81 4.25 27.62
C ILE A 330 29.54 3.30 28.78
N ASN A 331 29.61 3.82 30.00
CA ASN A 331 29.51 2.99 31.19
C ASN A 331 28.31 3.40 32.05
N SER A 332 27.10 3.35 31.47
CA SER A 332 25.90 3.74 32.19
C SER A 332 24.70 3.01 31.59
N ALA A 333 23.58 3.12 32.27
CA ALA A 333 22.32 2.54 31.81
C ALA A 333 21.55 3.56 30.98
N LEU A 334 20.59 3.06 30.21
CA LEU A 334 19.80 3.91 29.33
C LEU A 334 18.80 4.74 30.13
N ARG A 335 18.69 6.02 29.76
CA ARG A 335 17.74 6.91 30.42
C ARG A 335 17.33 8.01 29.44
N ILE A 336 16.03 8.29 29.39
CA ILE A 336 15.46 9.30 28.51
C ILE A 336 14.52 10.17 29.33
N LYS A 337 14.56 11.48 29.09
CA LYS A 337 13.81 12.45 29.88
C LYS A 337 12.64 12.99 29.07
N ILE A 338 11.43 12.84 29.60
CA ILE A 338 10.22 13.39 29.01
C ILE A 338 9.96 14.73 29.68
N LEU A 339 9.93 15.80 28.89
CA LEU A 339 9.84 17.15 29.44
C LEU A 339 8.40 17.65 29.50
N CYS A 340 7.78 17.87 28.35
CA CYS A 340 6.43 18.41 28.32
C CYS A 340 5.78 18.06 26.99
N ALA A 341 4.46 18.26 26.94
CA ALA A 341 3.69 18.13 25.71
C ALA A 341 2.88 19.42 25.53
N THR A 342 2.89 19.96 24.31
CA THR A 342 2.26 21.25 24.08
C THR A 342 0.77 21.22 24.42
N TYR A 343 0.05 20.25 23.87
CA TYR A 343 -1.38 20.15 24.14
C TYR A 343 -1.83 18.72 23.87
N VAL A 344 -2.99 18.38 24.42
CA VAL A 344 -3.63 17.09 24.20
C VAL A 344 -5.12 17.32 24.06
N ASN A 345 -5.72 16.75 23.02
CA ASN A 345 -7.14 16.94 22.72
C ASN A 345 -7.95 15.93 23.54
N VAL A 346 -8.32 16.32 24.75
CA VAL A 346 -9.18 15.51 25.60
C VAL A 346 -9.88 16.43 26.58
N ASN A 347 -11.16 16.16 26.81
CA ASN A 347 -11.95 16.94 27.75
C ASN A 347 -11.78 16.36 29.15
N ILE A 348 -11.51 17.23 30.12
CA ILE A 348 -11.21 16.80 31.48
C ILE A 348 -12.39 16.13 32.18
N ARG A 349 -13.59 16.20 31.60
CA ARG A 349 -14.75 15.58 32.22
C ARG A 349 -14.68 14.07 32.16
N ASP A 350 -14.25 13.51 31.02
CA ASP A 350 -14.31 12.07 30.81
C ASP A 350 -13.03 11.35 31.22
N ILE A 351 -11.87 11.99 31.09
CA ILE A 351 -10.58 11.36 31.34
C ILE A 351 -10.02 11.88 32.65
N ASP A 352 -9.45 10.97 33.45
CA ASP A 352 -8.93 11.34 34.77
C ASP A 352 -7.56 12.02 34.66
N LYS A 353 -6.59 11.32 34.08
CA LYS A 353 -5.24 11.86 33.95
C LYS A 353 -4.62 11.38 32.65
N ILE A 354 -3.42 11.89 32.36
CA ILE A 354 -2.65 11.53 31.18
C ILE A 354 -1.21 11.28 31.57
N TYR A 355 -0.53 10.43 30.80
CA TYR A 355 0.87 10.12 31.04
C TYR A 355 1.52 9.73 29.73
N VAL A 356 2.85 9.64 29.75
CA VAL A 356 3.64 9.28 28.58
C VAL A 356 4.21 7.88 28.79
N ARG A 357 3.79 6.94 27.95
CA ARG A 357 4.29 5.57 27.99
C ARG A 357 5.36 5.42 26.92
N THR A 358 6.50 4.84 27.30
CA THR A 358 7.63 4.65 26.41
C THR A 358 8.02 3.17 26.39
N GLY A 359 9.05 2.87 25.60
CA GLY A 359 9.55 1.52 25.47
C GLY A 359 10.60 1.40 24.39
N ILE A 360 11.64 0.60 24.65
CA ILE A 360 12.71 0.38 23.68
C ILE A 360 12.39 -0.89 22.90
N TYR A 361 12.46 -0.80 21.57
CA TYR A 361 12.06 -1.90 20.70
C TYR A 361 13.13 -2.21 19.68
N HIS A 362 13.26 -3.49 19.36
CA HIS A 362 14.06 -3.97 18.23
C HIS A 362 13.08 -4.70 17.31
N GLY A 363 12.47 -3.95 16.42
CA GLY A 363 11.42 -4.49 15.57
C GLY A 363 10.06 -4.38 16.25
N GLY A 364 9.43 -5.52 16.49
CA GLY A 364 8.15 -5.55 17.16
C GLY A 364 8.23 -6.01 18.60
N GLU A 365 9.42 -6.40 19.04
CA GLU A 365 9.58 -6.86 20.40
C GLU A 365 10.39 -5.87 21.23
N PRO A 366 10.03 -5.68 22.49
CA PRO A 366 10.83 -4.79 23.35
C PRO A 366 12.16 -5.41 23.72
N LEU A 367 13.16 -4.55 23.94
CA LEU A 367 14.44 -4.95 24.48
C LEU A 367 14.47 -4.90 26.00
N CYS A 368 13.46 -4.30 26.61
CA CYS A 368 13.31 -4.24 28.06
C CYS A 368 11.87 -3.85 28.35
N ASP A 369 11.47 -4.01 29.61
CA ASP A 369 10.10 -3.73 29.99
C ASP A 369 9.79 -2.24 29.82
N ASN A 370 8.57 -1.95 29.38
CA ASN A 370 8.18 -0.57 29.11
C ASN A 370 8.21 0.26 30.39
N VAL A 371 8.51 1.55 30.24
CA VAL A 371 8.62 2.48 31.36
C VAL A 371 7.64 3.62 31.12
N ASN A 372 6.90 3.98 32.16
CA ASN A 372 5.91 5.05 32.10
C ASN A 372 6.35 6.23 32.94
N THR A 373 5.70 7.37 32.72
CA THR A 373 5.92 8.57 33.51
C THR A 373 4.81 8.71 34.55
N GLN A 374 5.02 9.62 35.49
CA GLN A 374 4.01 9.91 36.50
C GLN A 374 2.79 10.56 35.85
N ARG A 375 1.61 10.24 36.37
CA ARG A 375 0.37 10.73 35.80
C ARG A 375 0.16 12.20 36.15
N VAL A 376 -0.16 13.01 35.15
CA VAL A 376 -0.31 14.45 35.31
C VAL A 376 -1.70 14.82 34.81
N PRO A 377 -2.20 16.00 35.18
CA PRO A 377 -3.50 16.44 34.68
C PRO A 377 -3.50 16.64 33.17
N CYS A 378 -4.70 16.58 32.59
CA CYS A 378 -4.85 16.74 31.15
C CYS A 378 -4.48 18.15 30.71
N SER A 379 -4.98 19.16 31.44
CA SER A 379 -4.75 20.56 31.07
C SER A 379 -3.31 21.01 31.28
N ASN A 380 -2.50 20.22 31.99
CA ASN A 380 -1.13 20.60 32.32
C ASN A 380 -0.22 19.41 32.06
N PRO A 381 0.19 19.20 30.80
CA PRO A 381 1.02 18.02 30.45
C PRO A 381 2.51 18.31 30.54
N ARG A 382 3.02 18.39 31.77
CA ARG A 382 4.45 18.59 32.02
C ARG A 382 4.94 17.48 32.95
N TRP A 383 6.13 16.96 32.67
CA TRP A 383 6.71 15.87 33.45
C TRP A 383 8.08 16.23 34.00
N ASN A 384 9.04 16.59 33.16
CA ASN A 384 10.41 16.87 33.58
C ASN A 384 11.00 15.69 34.34
N GLU A 385 10.77 14.49 33.82
CA GLU A 385 11.07 13.25 34.52
C GLU A 385 12.01 12.39 33.71
N TRP A 386 13.07 11.91 34.34
CA TRP A 386 13.95 10.92 33.73
C TRP A 386 13.37 9.52 33.90
N LEU A 387 13.39 8.75 32.82
CA LEU A 387 12.92 7.37 32.82
C LEU A 387 14.11 6.44 32.68
N ASN A 388 14.23 5.48 33.59
CA ASN A 388 15.35 4.56 33.63
C ASN A 388 14.94 3.22 33.03
N TYR A 389 15.58 2.85 31.92
CA TYR A 389 15.39 1.55 31.29
C TYR A 389 16.50 0.62 31.75
N ASP A 390 16.14 -0.63 32.06
CA ASP A 390 17.12 -1.61 32.54
C ASP A 390 17.77 -2.31 31.35
N ILE A 391 18.55 -1.54 30.61
CA ILE A 391 19.36 -2.06 29.52
C ILE A 391 20.68 -1.28 29.49
N TYR A 392 21.78 -2.00 29.62
CA TYR A 392 23.10 -1.37 29.56
C TYR A 392 23.32 -0.79 28.17
N ILE A 393 23.91 0.41 28.12
CA ILE A 393 23.99 1.15 26.85
C ILE A 393 24.81 0.41 25.81
N PRO A 394 25.98 -0.16 26.12
CA PRO A 394 26.68 -0.96 25.10
C PRO A 394 25.87 -2.14 24.57
N ASP A 395 24.85 -2.59 25.30
CA ASP A 395 24.00 -3.69 24.85
C ASP A 395 22.93 -3.25 23.86
N LEU A 396 22.84 -1.95 23.57
CA LEU A 396 21.85 -1.48 22.60
C LEU A 396 22.22 -1.96 21.20
N PRO A 397 21.30 -2.56 20.46
CA PRO A 397 21.61 -3.01 19.11
C PRO A 397 21.51 -1.85 18.11
N ARG A 398 21.93 -2.13 16.88
CA ARG A 398 22.00 -1.10 15.86
C ARG A 398 20.60 -0.59 15.48
N ALA A 399 19.62 -1.48 15.42
CA ALA A 399 18.27 -1.13 15.01
C ALA A 399 17.39 -0.68 16.17
N ALA A 400 17.97 -0.33 17.31
CA ALA A 400 17.18 0.04 18.47
C ALA A 400 16.35 1.29 18.19
N ARG A 401 15.11 1.28 18.68
CA ARG A 401 14.17 2.37 18.45
C ARG A 401 13.42 2.68 19.74
N LEU A 402 13.10 3.95 19.93
CA LEU A 402 12.30 4.42 21.05
C LEU A 402 10.86 4.60 20.58
N CYS A 403 9.94 3.85 21.17
CA CYS A 403 8.52 3.93 20.84
C CYS A 403 7.77 4.48 22.05
N LEU A 404 7.09 5.61 21.87
CA LEU A 404 6.40 6.29 22.95
C LEU A 404 4.99 6.67 22.51
N SER A 405 4.23 7.24 23.45
CA SER A 405 2.87 7.67 23.21
C SER A 405 2.38 8.45 24.43
N ILE A 406 1.29 9.20 24.24
CA ILE A 406 0.61 9.91 25.31
C ILE A 406 -0.73 9.24 25.52
N CYS A 407 -0.90 8.57 26.65
CA CYS A 407 -2.11 7.81 26.95
C CYS A 407 -2.93 8.52 28.02
N SER A 408 -4.22 8.19 28.04
CA SER A 408 -5.16 8.71 29.03
C SER A 408 -5.67 7.56 29.88
N VAL A 409 -5.69 7.75 31.18
CA VAL A 409 -6.13 6.73 32.13
C VAL A 409 -7.41 7.23 32.80
N LYS A 410 -8.34 6.30 33.04
CA LYS A 410 -9.63 6.62 33.63
C LYS A 410 -9.98 5.54 34.64
N GLY A 411 -10.02 5.90 35.93
CA GLY A 411 -10.38 4.94 36.95
C GLY A 411 -11.74 4.31 36.69
N ARG A 412 -12.76 5.15 36.51
CA ARG A 412 -14.07 4.76 35.97
C ARG A 412 -14.69 3.71 36.88
N LYS A 413 -15.24 2.62 36.35
CA LYS A 413 -15.99 1.64 37.13
C LYS A 413 -15.07 0.55 37.67
N GLY A 414 -15.52 -0.07 38.76
CA GLY A 414 -14.81 -1.17 39.38
C GLY A 414 -13.38 -0.83 39.75
N ALA A 415 -12.55 -1.86 39.93
CA ALA A 415 -11.13 -1.65 40.24
C ALA A 415 -10.29 -1.41 38.99
N LYS A 416 -10.69 -1.96 37.85
CA LYS A 416 -9.91 -1.83 36.63
C LYS A 416 -10.08 -0.45 36.00
N GLU A 417 -9.05 -0.02 35.28
CA GLU A 417 -9.04 1.28 34.62
C GLU A 417 -8.75 1.09 33.14
N GLU A 418 -9.19 2.07 32.35
CA GLU A 418 -9.05 2.03 30.90
C GLU A 418 -7.92 2.94 30.45
N HIS A 419 -7.05 2.41 29.58
CA HIS A 419 -5.96 3.17 29.00
C HIS A 419 -6.19 3.29 27.50
N CYS A 420 -6.16 4.53 27.00
N CYS A 420 -6.17 4.52 27.00
CA CYS A 420 -6.43 4.82 25.60
CA CYS A 420 -6.41 4.78 25.59
C CYS A 420 -5.30 5.68 25.04
C CYS A 420 -5.32 5.67 25.04
N PRO A 421 -4.68 5.28 23.94
CA PRO A 421 -3.64 6.14 23.34
C PRO A 421 -4.25 7.32 22.61
N LEU A 422 -3.60 8.47 22.77
CA LEU A 422 -4.05 9.72 22.16
C LEU A 422 -3.18 10.17 21.00
N ALA A 423 -1.88 9.83 21.03
CA ALA A 423 -0.93 10.18 19.99
C ALA A 423 0.34 9.38 20.22
N TRP A 424 1.00 8.97 19.14
CA TRP A 424 2.15 8.10 19.20
C TRP A 424 3.31 8.72 18.44
N GLY A 425 4.50 8.14 18.66
CA GLY A 425 5.70 8.59 17.97
C GLY A 425 6.87 7.64 18.16
N ASN A 426 7.65 7.42 17.11
CA ASN A 426 8.79 6.52 17.16
C ASN A 426 10.05 7.24 16.69
N ILE A 427 11.16 6.96 17.38
CA ILE A 427 12.43 7.63 17.13
C ILE A 427 13.53 6.58 17.02
N ASN A 428 14.32 6.65 15.96
CA ASN A 428 15.51 5.81 15.86
C ASN A 428 16.55 6.32 16.86
N LEU A 429 16.98 5.44 17.76
CA LEU A 429 17.97 5.84 18.75
C LEU A 429 19.33 6.14 18.13
N PHE A 430 19.60 5.63 16.93
CA PHE A 430 20.77 5.98 16.15
C PHE A 430 20.31 6.54 14.81
N ASP A 431 21.14 7.38 14.20
CA ASP A 431 20.80 7.98 12.92
C ASP A 431 21.59 7.28 11.81
N TYR A 432 21.46 7.81 10.58
CA TYR A 432 22.15 7.20 9.45
C TYR A 432 23.66 7.33 9.57
N THR A 433 24.14 8.35 10.29
CA THR A 433 25.57 8.47 10.54
C THR A 433 26.06 7.45 11.57
N ASP A 434 25.14 6.81 12.30
CA ASP A 434 25.35 5.86 13.40
C ASP A 434 25.61 6.57 14.72
N THR A 435 25.43 7.89 14.77
CA THR A 435 25.54 8.63 16.01
C THR A 435 24.34 8.35 16.91
N LEU A 436 24.61 8.13 18.19
CA LEU A 436 23.53 7.99 19.17
C LEU A 436 22.87 9.33 19.42
N VAL A 437 21.56 9.30 19.67
CA VAL A 437 20.80 10.52 19.92
C VAL A 437 21.30 11.18 21.19
N SER A 438 21.33 12.51 21.19
CA SER A 438 21.76 13.27 22.35
C SER A 438 21.14 14.66 22.30
N GLY A 439 20.98 15.27 23.47
CA GLY A 439 20.45 16.61 23.56
C GLY A 439 18.93 16.64 23.52
N LYS A 440 18.39 17.85 23.55
CA LYS A 440 16.95 18.04 23.49
C LYS A 440 16.42 17.70 22.10
N MET A 441 15.17 17.28 22.05
CA MET A 441 14.53 16.92 20.78
C MET A 441 13.02 17.13 20.89
N ALA A 442 12.46 17.88 19.96
CA ALA A 442 11.02 18.08 19.87
C ALA A 442 10.45 17.14 18.82
N LEU A 443 9.37 16.44 19.18
CA LEU A 443 8.79 15.41 18.33
C LEU A 443 7.29 15.63 18.22
N ASN A 444 6.82 15.92 17.01
CA ASN A 444 5.39 16.01 16.76
C ASN A 444 4.80 14.62 16.57
N LEU A 445 3.70 14.34 17.27
CA LEU A 445 3.14 13.00 17.31
C LEU A 445 2.05 12.83 16.26
N TRP A 446 1.70 11.56 16.00
CA TRP A 446 0.77 11.15 14.97
C TRP A 446 -0.56 10.72 15.58
N PRO A 447 -1.66 10.87 14.84
CA PRO A 447 -2.94 10.32 15.30
C PRO A 447 -2.89 8.79 15.36
N VAL A 448 -3.62 8.23 16.31
CA VAL A 448 -3.65 6.77 16.45
C VAL A 448 -4.43 6.18 15.29
N PRO A 449 -3.91 5.17 14.60
CA PRO A 449 -4.66 4.55 13.49
C PRO A 449 -5.95 3.92 13.96
N HIS A 450 -6.96 3.96 13.09
CA HIS A 450 -8.26 3.39 13.40
C HIS A 450 -8.13 1.88 13.63
N GLY A 451 -8.75 1.40 14.70
CA GLY A 451 -8.68 0.00 15.06
C GLY A 451 -7.52 -0.38 15.95
N LEU A 452 -6.46 0.42 15.97
CA LEU A 452 -5.32 0.13 16.84
C LEU A 452 -5.70 0.42 18.29
N GLU A 453 -5.58 -0.61 19.14
CA GLU A 453 -5.92 -0.48 20.55
C GLU A 453 -4.72 -0.67 21.47
N ASP A 454 -3.56 -0.98 20.93
CA ASP A 454 -2.34 -1.02 21.73
C ASP A 454 -1.98 0.38 22.20
N LEU A 455 -1.20 0.44 23.27
CA LEU A 455 -0.76 1.73 23.78
C LEU A 455 0.42 2.29 22.99
N LEU A 456 1.27 1.42 22.46
CA LEU A 456 2.37 1.81 21.60
C LEU A 456 2.13 1.28 20.18
N ASN A 457 2.83 1.87 19.22
CA ASN A 457 2.70 1.52 17.81
C ASN A 457 4.09 1.35 17.20
N PRO A 458 4.79 0.27 17.54
CA PRO A 458 6.14 0.06 17.00
C PRO A 458 6.17 -0.24 15.51
N ILE A 459 5.03 -0.55 14.89
CA ILE A 459 5.01 -0.78 13.46
C ILE A 459 4.96 0.53 12.67
N GLY A 460 4.53 1.62 13.30
CA GLY A 460 4.46 2.90 12.61
C GLY A 460 5.83 3.43 12.23
N VAL A 461 5.82 4.42 11.34
CA VAL A 461 7.07 4.98 10.84
C VAL A 461 7.77 5.78 11.93
N THR A 462 9.07 5.98 11.74
CA THR A 462 9.86 6.81 12.64
C THR A 462 9.94 8.23 12.10
N GLY A 463 10.31 9.16 12.97
CA GLY A 463 10.43 10.56 12.63
C GLY A 463 9.26 11.38 13.12
N SER A 464 9.43 12.70 13.02
CA SER A 464 8.43 13.63 13.51
C SER A 464 7.30 13.81 12.48
N ASN A 465 6.16 14.27 12.99
CA ASN A 465 5.03 14.56 12.11
C ASN A 465 5.30 15.85 11.35
N PRO A 466 5.22 15.84 10.02
CA PRO A 466 5.39 17.10 9.26
C PRO A 466 4.37 18.16 9.65
N ASN A 467 3.15 17.76 10.00
CA ASN A 467 2.12 18.69 10.46
C ASN A 467 2.54 19.22 11.82
N LYS A 468 3.01 20.47 11.86
CA LYS A 468 3.45 21.08 13.10
C LYS A 468 2.30 21.54 13.97
N GLU A 469 1.06 21.43 13.50
CA GLU A 469 -0.12 21.76 14.29
C GLU A 469 -0.64 20.55 15.04
N THR A 470 0.26 19.75 15.62
CA THR A 470 -0.06 18.53 16.33
C THR A 470 0.60 18.56 17.70
N PRO A 471 0.19 17.66 18.62
CA PRO A 471 0.88 17.58 19.91
C PRO A 471 2.38 17.38 19.78
N CYS A 472 3.15 18.33 20.29
CA CYS A 472 4.61 18.27 20.25
C CYS A 472 5.13 17.87 21.63
N LEU A 473 5.97 16.83 21.66
CA LEU A 473 6.50 16.29 22.89
C LEU A 473 7.99 16.64 23.00
N GLU A 474 8.35 17.39 24.03
CA GLU A 474 9.74 17.75 24.26
C GLU A 474 10.46 16.60 24.96
N LEU A 475 11.69 16.33 24.52
CA LEU A 475 12.49 15.23 25.03
C LEU A 475 13.90 15.70 25.29
N GLU A 476 14.71 14.81 25.88
CA GLU A 476 16.12 15.11 26.13
C GLU A 476 16.84 13.80 26.42
N PHE A 477 17.90 13.52 25.67
CA PHE A 477 18.76 12.38 25.90
C PHE A 477 20.03 12.82 26.62
N ASP A 478 20.61 11.91 27.39
CA ASP A 478 21.78 12.25 28.17
C ASP A 478 22.98 12.54 27.27
N TRP A 479 23.96 13.24 27.83
CA TRP A 479 25.14 13.70 27.11
C TRP A 479 26.37 13.03 27.71
N PHE A 480 27.24 12.51 26.86
CA PHE A 480 28.46 11.83 27.27
C PHE A 480 29.71 12.62 26.90
N SER A 481 29.61 13.95 26.96
CA SER A 481 30.70 14.91 26.73
C SER A 481 31.31 14.81 25.33
N SER A 482 30.71 14.04 24.42
CA SER A 482 31.21 13.89 23.07
C SER A 482 30.15 13.20 22.23
N VAL A 483 30.48 12.99 20.96
CA VAL A 483 29.60 12.27 20.04
C VAL A 483 29.83 10.78 20.21
N VAL A 484 28.74 10.02 20.38
CA VAL A 484 28.81 8.58 20.54
C VAL A 484 28.47 7.93 19.20
N LYS A 485 29.34 7.04 18.74
CA LYS A 485 29.18 6.36 17.47
C LYS A 485 29.07 4.86 17.68
N PHE A 486 28.42 4.19 16.74
CA PHE A 486 28.30 2.74 16.80
C PHE A 486 29.61 2.08 16.35
N PRO A 487 30.00 0.98 16.99
CA PRO A 487 31.27 0.34 16.62
C PRO A 487 31.27 -0.16 15.18
N ASP A 488 32.46 -0.27 14.62
CA ASP A 488 32.63 -0.74 13.25
C ASP A 488 32.56 -2.26 13.20
N MET A 489 32.46 -2.80 11.98
CA MET A 489 32.37 -4.25 11.82
C MET A 489 33.66 -4.94 12.26
N SER A 490 34.80 -4.24 12.18
CA SER A 490 36.04 -4.81 12.68
C SER A 490 36.06 -4.88 14.20
N VAL A 491 35.47 -3.88 14.86
CA VAL A 491 35.42 -3.87 16.32
C VAL A 491 34.46 -4.91 16.86
N ILE A 492 33.56 -5.42 16.03
CA ILE A 492 32.56 -6.39 16.47
C ILE A 492 33.08 -7.80 16.20
N GLU A 493 33.29 -8.57 17.27
CA GLU A 493 33.67 -9.97 17.15
C GLU A 493 33.40 -10.71 18.46
N ASN A 526 17.61 -35.73 19.47
CA ASN A 526 16.95 -35.05 18.35
C ASN A 526 17.84 -35.01 17.11
N ASP A 527 19.08 -34.56 17.31
CA ASP A 527 20.13 -34.53 16.28
C ASP A 527 19.67 -33.61 15.14
N LYS A 528 19.83 -34.03 13.88
CA LYS A 528 19.46 -33.17 12.76
C LYS A 528 17.96 -32.91 12.74
N GLU A 529 17.16 -33.92 13.08
CA GLU A 529 15.74 -33.70 13.22
C GLU A 529 15.48 -32.78 14.41
N GLN A 530 14.24 -32.27 14.48
CA GLN A 530 13.82 -31.17 15.36
C GLN A 530 14.35 -29.84 14.83
N LEU A 531 15.65 -29.76 14.52
CA LEU A 531 16.15 -28.62 13.77
C LEU A 531 15.45 -28.49 12.43
N LYS A 532 15.28 -29.61 11.73
CA LYS A 532 14.52 -29.60 10.48
C LYS A 532 13.05 -29.30 10.72
N ALA A 533 12.47 -29.87 11.77
CA ALA A 533 11.06 -29.67 12.05
C ALA A 533 10.75 -28.20 12.32
N ILE A 534 11.68 -27.48 12.96
CA ILE A 534 11.46 -26.08 13.26
C ILE A 534 11.61 -25.24 11.99
N SER A 535 12.54 -25.60 11.11
CA SER A 535 12.77 -24.82 9.90
C SER A 535 11.57 -24.87 8.94
N THR A 536 10.74 -25.90 9.02
CA THR A 536 9.58 -26.02 8.16
C THR A 536 8.32 -25.41 8.74
N ARG A 537 8.38 -24.90 9.97
CA ARG A 537 7.21 -24.25 10.55
C ARG A 537 6.99 -22.88 9.93
N ASP A 538 5.75 -22.40 10.02
CA ASP A 538 5.39 -21.12 9.45
C ASP A 538 5.97 -19.99 10.31
N PRO A 539 6.18 -18.81 9.72
CA PRO A 539 6.83 -17.72 10.46
C PRO A 539 6.11 -17.30 11.73
N LEU A 540 4.80 -17.53 11.83
CA LEU A 540 4.03 -17.15 13.00
C LEU A 540 3.80 -18.32 13.96
N SER A 541 4.51 -19.43 13.79
CA SER A 541 4.36 -20.55 14.69
C SER A 541 4.99 -20.24 16.04
N GLU A 542 4.48 -20.89 17.08
CA GLU A 542 4.98 -20.67 18.42
C GLU A 542 6.37 -21.30 18.57
N ILE A 543 7.27 -20.55 19.20
CA ILE A 543 8.62 -21.02 19.49
C ILE A 543 8.90 -20.77 20.97
N THR A 544 9.10 -21.84 21.72
CA THR A 544 9.27 -21.75 23.15
C THR A 544 10.71 -21.34 23.50
N GLU A 545 10.89 -20.95 24.77
CA GLU A 545 12.22 -20.56 25.24
C GLU A 545 13.18 -21.74 25.21
N GLN A 546 12.68 -22.96 25.42
CA GLN A 546 13.54 -24.13 25.29
C GLN A 546 14.03 -24.29 23.86
N GLU A 547 13.20 -23.94 22.88
CA GLU A 547 13.61 -24.01 21.49
C GLU A 547 14.54 -22.86 21.11
N LYS A 548 14.38 -21.70 21.74
CA LYS A 548 15.31 -20.60 21.50
C LYS A 548 16.70 -20.93 22.05
N ASP A 549 16.76 -21.53 23.24
CA ASP A 549 18.05 -21.96 23.77
C ASP A 549 18.62 -23.13 22.97
N PHE A 550 17.75 -23.93 22.33
CA PHE A 550 18.23 -25.02 21.50
C PHE A 550 18.75 -24.52 20.16
N LEU A 551 18.11 -23.50 19.59
CA LEU A 551 18.59 -22.94 18.33
C LEU A 551 19.88 -22.14 18.53
N TRP A 552 19.96 -21.39 19.64
CA TRP A 552 21.15 -20.59 19.89
C TRP A 552 22.36 -21.45 20.25
N SER A 553 22.14 -22.56 20.98
CA SER A 553 23.24 -23.44 21.30
C SER A 553 23.73 -24.22 20.09
N HIS A 554 22.89 -24.42 19.08
CA HIS A 554 23.26 -25.10 17.85
C HIS A 554 23.39 -24.11 16.69
N ARG A 555 23.80 -22.87 17.00
CA ARG A 555 23.81 -21.81 15.99
C ARG A 555 24.80 -22.07 14.86
N HIS A 556 25.81 -22.91 15.09
CA HIS A 556 26.79 -23.19 14.05
C HIS A 556 26.41 -24.36 13.16
N TYR A 557 25.66 -25.33 13.68
CA TYR A 557 25.22 -26.45 12.87
C TYR A 557 24.09 -26.06 11.93
N CYS A 558 23.44 -24.92 12.17
CA CYS A 558 22.31 -24.48 11.34
C CYS A 558 22.71 -24.10 9.92
N VAL A 559 24.01 -24.12 9.59
CA VAL A 559 24.42 -23.79 8.24
C VAL A 559 23.98 -24.85 7.25
N THR A 560 23.89 -26.11 7.68
CA THR A 560 23.42 -27.17 6.80
C THR A 560 21.94 -26.98 6.44
N ILE A 561 21.19 -26.30 7.30
CA ILE A 561 19.79 -25.98 7.02
C ILE A 561 19.66 -24.46 6.97
N PRO A 562 20.06 -23.81 5.87
CA PRO A 562 20.06 -22.33 5.85
C PRO A 562 18.68 -21.73 5.96
N GLU A 563 17.62 -22.49 5.65
CA GLU A 563 16.27 -21.95 5.71
C GLU A 563 15.82 -21.67 7.15
N ILE A 564 16.53 -22.19 8.15
CA ILE A 564 16.17 -21.97 9.55
C ILE A 564 16.67 -20.63 10.07
N LEU A 565 17.33 -19.83 9.22
CA LEU A 565 17.85 -18.53 9.65
C LEU A 565 16.81 -17.63 10.30
N PRO A 566 15.58 -17.48 9.77
CA PRO A 566 14.60 -16.65 10.49
C PRO A 566 14.28 -17.16 11.89
N LYS A 567 14.22 -18.49 12.06
CA LYS A 567 14.00 -19.03 13.39
C LYS A 567 15.17 -18.73 14.32
N LEU A 568 16.39 -18.80 13.79
CA LEU A 568 17.58 -18.56 14.61
C LEU A 568 17.68 -17.10 15.03
N LEU A 569 17.32 -16.18 14.13
CA LEU A 569 17.45 -14.76 14.43
C LEU A 569 16.51 -14.34 15.56
N LEU A 570 15.31 -14.92 15.61
CA LEU A 570 14.39 -14.63 16.70
C LEU A 570 14.82 -15.28 18.01
N SER A 571 15.75 -16.23 17.97
CA SER A 571 16.29 -16.81 19.19
C SER A 571 17.45 -15.99 19.77
N VAL A 572 17.94 -15.01 19.03
CA VAL A 572 19.05 -14.18 19.48
C VAL A 572 18.55 -13.19 20.52
N LYS A 573 19.32 -13.02 21.60
CA LYS A 573 19.04 -11.99 22.60
C LYS A 573 19.61 -10.68 22.07
N TRP A 574 18.76 -9.92 21.38
CA TRP A 574 19.21 -8.66 20.77
C TRP A 574 19.54 -7.61 21.80
N ASN A 575 19.07 -7.76 23.04
CA ASN A 575 19.48 -6.89 24.13
C ASN A 575 20.83 -7.27 24.72
N SER A 576 21.53 -8.22 24.11
CA SER A 576 22.83 -8.69 24.56
C SER A 576 23.87 -8.37 23.49
N ARG A 577 24.83 -7.51 23.83
CA ARG A 577 25.90 -7.18 22.89
C ARG A 577 26.69 -8.42 22.49
N ASP A 578 26.83 -9.39 23.41
CA ASP A 578 27.64 -10.57 23.13
C ASP A 578 26.98 -11.44 22.07
N GLU A 579 25.66 -11.64 22.16
CA GLU A 579 24.99 -12.54 21.22
C GLU A 579 24.85 -11.92 19.84
N VAL A 580 24.60 -10.61 19.78
CA VAL A 580 24.47 -9.95 18.49
C VAL A 580 25.80 -9.94 17.76
N ALA A 581 26.91 -9.79 18.49
CA ALA A 581 28.23 -9.78 17.87
C ALA A 581 28.52 -11.13 17.20
N GLN A 582 28.05 -12.23 17.80
CA GLN A 582 28.28 -13.54 17.22
C GLN A 582 27.30 -13.84 16.08
N MET A 583 26.10 -13.26 16.12
CA MET A 583 25.14 -13.49 15.05
C MET A 583 25.52 -12.70 13.80
N TYR A 584 26.19 -11.56 13.96
CA TYR A 584 26.68 -10.82 12.80
C TYR A 584 27.70 -11.65 12.02
N CYS A 585 28.58 -12.36 12.72
CA CYS A 585 29.60 -13.17 12.05
C CYS A 585 29.00 -14.39 11.37
N LEU A 586 27.84 -14.87 11.82
CA LEU A 586 27.20 -16.01 11.19
C LEU A 586 26.48 -15.61 9.90
N VAL A 587 25.80 -14.47 9.91
CA VAL A 587 25.13 -14.00 8.70
C VAL A 587 26.13 -13.44 7.70
N LYS A 588 27.35 -13.11 8.13
CA LYS A 588 28.37 -12.66 7.20
C LYS A 588 28.74 -13.77 6.22
N ASP A 589 28.81 -15.01 6.71
CA ASP A 589 29.17 -16.16 5.89
C ASP A 589 27.99 -17.11 5.69
N TRP A 590 26.77 -16.62 5.87
CA TRP A 590 25.61 -17.48 5.77
C TRP A 590 25.32 -17.80 4.31
N PRO A 591 25.06 -19.07 3.96
CA PRO A 591 24.78 -19.40 2.57
C PRO A 591 23.45 -18.81 2.13
N PRO A 592 23.28 -18.56 0.83
CA PRO A 592 22.04 -17.93 0.36
C PRO A 592 20.82 -18.82 0.58
N ILE A 593 19.66 -18.17 0.58
CA ILE A 593 18.38 -18.85 0.72
C ILE A 593 17.48 -18.42 -0.43
N LYS A 594 16.34 -19.10 -0.55
CA LYS A 594 15.40 -18.81 -1.62
C LYS A 594 14.81 -17.40 -1.44
N PRO A 595 14.46 -16.73 -2.54
CA PRO A 595 13.87 -15.39 -2.41
C PRO A 595 12.58 -15.36 -1.62
N GLU A 596 11.75 -16.40 -1.77
CA GLU A 596 10.51 -16.47 -1.01
C GLU A 596 10.75 -16.50 0.51
N GLN A 597 11.94 -16.95 0.92
CA GLN A 597 12.29 -17.00 2.33
C GLN A 597 13.08 -15.79 2.79
N ALA A 598 13.87 -15.18 1.91
CA ALA A 598 14.60 -13.97 2.26
C ALA A 598 13.68 -12.78 2.42
N MET A 599 12.51 -12.80 1.79
CA MET A 599 11.56 -11.69 1.93
C MET A 599 11.09 -11.54 3.38
N GLU A 600 11.01 -12.64 4.12
CA GLU A 600 10.60 -12.56 5.52
C GLU A 600 11.59 -11.71 6.32
N LEU A 601 12.88 -11.81 6.00
CA LEU A 601 13.89 -11.02 6.70
C LEU A 601 13.80 -9.53 6.39
N LEU A 602 12.90 -9.12 5.51
CA LEU A 602 12.68 -7.71 5.20
C LEU A 602 11.43 -7.15 5.86
N ASP A 603 10.71 -7.94 6.65
CA ASP A 603 9.48 -7.46 7.27
C ASP A 603 9.83 -6.70 8.55
N CYS A 604 8.81 -6.35 9.33
CA CYS A 604 9.02 -5.52 10.51
C CYS A 604 9.68 -6.28 11.66
N ASN A 605 9.60 -7.62 11.66
CA ASN A 605 10.19 -8.38 12.77
C ASN A 605 11.70 -8.44 12.69
N TYR A 606 12.29 -8.23 11.52
CA TYR A 606 13.74 -8.28 11.33
C TYR A 606 14.23 -6.91 10.87
N PRO A 607 14.63 -6.03 11.78
CA PRO A 607 15.10 -4.68 11.43
C PRO A 607 16.61 -4.51 11.40
N ASP A 608 17.37 -5.56 11.63
CA ASP A 608 18.82 -5.40 11.74
C ASP A 608 19.44 -5.14 10.37
N PRO A 609 20.37 -4.18 10.27
CA PRO A 609 20.95 -3.87 8.94
C PRO A 609 21.68 -5.03 8.30
N MET A 610 22.38 -5.85 9.09
CA MET A 610 23.09 -7.00 8.52
C MET A 610 22.11 -8.06 8.04
N VAL A 611 21.01 -8.26 8.76
CA VAL A 611 20.00 -9.22 8.35
C VAL A 611 19.31 -8.76 7.08
N ARG A 612 18.85 -7.51 7.07
CA ARG A 612 18.16 -6.98 5.89
C ARG A 612 19.08 -6.91 4.69
N GLY A 613 20.35 -6.59 4.91
CA GLY A 613 21.31 -6.58 3.81
C GLY A 613 21.53 -7.96 3.22
N PHE A 614 21.60 -8.98 4.08
CA PHE A 614 21.71 -10.35 3.59
C PHE A 614 20.51 -10.72 2.74
N ALA A 615 19.30 -10.34 3.18
CA ALA A 615 18.10 -10.65 2.42
C ALA A 615 18.11 -9.97 1.06
N VAL A 616 18.63 -8.74 1.00
CA VAL A 616 18.69 -8.03 -0.28
C VAL A 616 19.67 -8.70 -1.23
N ARG A 617 20.81 -9.18 -0.70
CA ARG A 617 21.78 -9.86 -1.55
C ARG A 617 21.22 -11.17 -2.12
N CYS A 618 20.35 -11.84 -1.37
CA CYS A 618 19.68 -13.03 -1.89
C CYS A 618 18.78 -12.67 -3.07
N LEU A 619 18.09 -11.52 -2.97
CA LEU A 619 17.23 -11.09 -4.07
C LEU A 619 18.04 -10.62 -5.27
N GLU A 620 19.24 -10.10 -5.04
CA GLU A 620 20.06 -9.59 -6.14
C GLU A 620 20.53 -10.71 -7.06
N LYS A 621 20.65 -11.94 -6.53
CA LYS A 621 21.20 -13.05 -7.28
C LYS A 621 20.18 -14.12 -7.64
N TYR A 622 19.10 -14.25 -6.87
CA TYR A 622 18.18 -15.36 -7.03
C TYR A 622 16.75 -14.95 -7.36
N LEU A 623 16.42 -13.66 -7.32
CA LEU A 623 15.06 -13.20 -7.56
C LEU A 623 14.92 -12.81 -9.03
N THR A 624 14.20 -13.62 -9.80
CA THR A 624 13.95 -13.31 -11.20
C THR A 624 13.01 -12.12 -11.32
N ASP A 625 13.04 -11.48 -12.49
CA ASP A 625 12.17 -10.34 -12.73
C ASP A 625 10.70 -10.74 -12.75
N ASP A 626 10.42 -12.01 -13.06
CA ASP A 626 9.05 -12.52 -12.98
C ASP A 626 8.51 -12.39 -11.56
N LYS A 627 9.23 -12.97 -10.59
CA LYS A 627 8.78 -12.91 -9.21
C LYS A 627 8.93 -11.51 -8.63
N LEU A 628 9.90 -10.74 -9.11
CA LEU A 628 10.04 -9.36 -8.66
C LEU A 628 8.79 -8.55 -9.00
N SER A 629 8.29 -8.71 -10.21
CA SER A 629 7.03 -8.05 -10.57
C SER A 629 5.85 -8.63 -9.80
N GLN A 630 5.91 -9.93 -9.49
CA GLN A 630 4.80 -10.57 -8.80
C GLN A 630 4.64 -10.06 -7.38
N TYR A 631 5.75 -9.92 -6.64
CA TYR A 631 5.72 -9.50 -5.25
C TYR A 631 6.10 -8.03 -5.07
N LEU A 632 6.00 -7.22 -6.14
CA LEU A 632 6.44 -5.84 -6.05
C LEU A 632 5.61 -5.04 -5.06
N ILE A 633 4.33 -5.38 -4.89
CA ILE A 633 3.49 -4.67 -3.94
C ILE A 633 4.08 -4.76 -2.53
N GLN A 634 4.49 -5.95 -2.13
CA GLN A 634 5.04 -6.13 -0.79
C GLN A 634 6.41 -5.51 -0.65
N LEU A 635 7.26 -5.64 -1.68
CA LEU A 635 8.60 -5.08 -1.61
C LEU A 635 8.57 -3.56 -1.50
N VAL A 636 7.55 -2.91 -2.07
CA VAL A 636 7.39 -1.48 -1.88
C VAL A 636 6.90 -1.18 -0.46
N GLN A 637 6.08 -2.06 0.10
CA GLN A 637 5.52 -1.79 1.43
C GLN A 637 6.58 -1.86 2.52
N VAL A 638 7.50 -2.82 2.43
CA VAL A 638 8.54 -2.95 3.45
C VAL A 638 9.55 -1.81 3.40
N LEU A 639 9.46 -0.94 2.39
CA LEU A 639 10.34 0.23 2.35
C LEU A 639 10.08 1.17 3.51
N LYS A 640 8.84 1.23 4.01
CA LYS A 640 8.53 2.08 5.15
C LYS A 640 8.92 1.45 6.48
N TYR A 641 9.25 0.15 6.49
CA TYR A 641 9.85 -0.46 7.67
C TYR A 641 11.31 -0.05 7.86
N GLU A 642 11.93 0.53 6.84
CA GLU A 642 13.34 0.89 6.93
C GLU A 642 13.54 2.05 7.90
N GLN A 643 14.66 2.03 8.62
CA GLN A 643 14.98 3.11 9.54
C GLN A 643 15.35 4.39 8.79
N TYR A 644 16.06 4.25 7.67
CA TYR A 644 16.64 5.39 6.99
C TYR A 644 16.25 5.37 5.51
N LEU A 645 16.39 6.54 4.87
CA LEU A 645 16.04 6.66 3.47
C LEU A 645 16.99 5.87 2.58
N ASP A 646 18.29 5.90 2.89
CA ASP A 646 19.28 5.22 2.09
C ASP A 646 19.54 3.84 2.70
N ASN A 647 19.24 2.79 1.92
CA ASN A 647 19.47 1.42 2.35
C ASN A 647 19.61 0.55 1.13
N LEU A 648 20.04 -0.70 1.35
CA LEU A 648 20.27 -1.61 0.23
C LEU A 648 18.99 -2.01 -0.47
N LEU A 649 17.87 -2.04 0.26
CA LEU A 649 16.60 -2.43 -0.36
C LEU A 649 16.13 -1.38 -1.37
N VAL A 650 16.14 -0.10 -0.97
CA VAL A 650 15.69 0.95 -1.88
C VAL A 650 16.65 1.10 -3.05
N ARG A 651 17.94 0.79 -2.84
CA ARG A 651 18.88 0.83 -3.95
C ARG A 651 18.67 -0.32 -4.91
N PHE A 652 18.25 -1.49 -4.40
CA PHE A 652 18.02 -2.64 -5.26
C PHE A 652 16.75 -2.46 -6.10
N LEU A 653 15.68 -1.98 -5.47
CA LEU A 653 14.43 -1.80 -6.19
C LEU A 653 14.55 -0.70 -7.25
N LEU A 654 15.17 0.42 -6.89
CA LEU A 654 15.35 1.50 -7.87
C LEU A 654 16.24 1.06 -9.02
N LYS A 655 17.25 0.24 -8.73
CA LYS A 655 18.11 -0.29 -9.78
C LYS A 655 17.31 -1.12 -10.77
N LYS A 656 16.44 -2.00 -10.26
CA LYS A 656 15.67 -2.86 -11.14
C LYS A 656 14.59 -2.08 -11.88
N ALA A 657 13.98 -1.09 -11.21
CA ALA A 657 12.95 -0.29 -11.85
C ALA A 657 13.53 0.54 -12.99
N LEU A 658 14.81 0.89 -12.91
CA LEU A 658 15.47 1.68 -13.95
C LEU A 658 16.12 0.82 -15.02
N THR A 659 16.02 -0.51 -14.93
CA THR A 659 16.52 -1.41 -15.95
C THR A 659 15.42 -2.29 -16.54
N ASN A 660 14.16 -2.03 -16.18
CA ASN A 660 13.04 -2.84 -16.65
C ASN A 660 11.79 -1.97 -16.56
N GLN A 661 11.24 -1.57 -17.71
CA GLN A 661 10.11 -0.64 -17.70
C GLN A 661 8.84 -1.30 -17.20
N ARG A 662 8.72 -2.62 -17.32
CA ARG A 662 7.57 -3.29 -16.73
C ARG A 662 7.63 -3.23 -15.21
N ILE A 663 8.83 -3.33 -14.65
CA ILE A 663 9.00 -3.21 -13.21
C ILE A 663 8.85 -1.75 -12.79
N GLY A 664 9.47 -0.83 -13.53
CA GLY A 664 9.41 0.58 -13.17
C GLY A 664 8.03 1.19 -13.31
N HIS A 665 7.20 0.60 -14.16
CA HIS A 665 5.84 1.11 -14.32
C HIS A 665 5.04 0.95 -13.03
N PHE A 666 4.98 -0.26 -12.49
CA PHE A 666 4.26 -0.50 -11.25
C PHE A 666 5.05 -0.04 -10.03
N PHE A 667 6.38 0.02 -10.12
CA PHE A 667 7.17 0.68 -9.10
C PHE A 667 6.73 2.13 -8.94
N PHE A 668 6.46 2.81 -10.06
CA PHE A 668 6.04 4.21 -10.02
C PHE A 668 4.65 4.35 -9.41
N TRP A 669 3.70 3.53 -9.87
CA TRP A 669 2.31 3.72 -9.47
C TRP A 669 2.07 3.30 -8.02
N HIS A 670 2.76 2.27 -7.54
CA HIS A 670 2.61 1.89 -6.14
C HIS A 670 3.10 2.99 -5.21
N LEU A 671 4.17 3.69 -5.61
CA LEU A 671 4.65 4.82 -4.82
C LEU A 671 3.75 6.04 -4.98
N LYS A 672 3.35 6.34 -6.22
CA LYS A 672 2.51 7.51 -6.48
C LYS A 672 1.17 7.40 -5.79
N SER A 673 0.63 6.18 -5.67
CA SER A 673 -0.68 5.98 -5.07
C SER A 673 -0.70 6.27 -3.57
N GLU A 674 0.47 6.39 -2.93
CA GLU A 674 0.53 6.67 -1.50
C GLU A 674 1.14 8.04 -1.20
N MET A 675 1.34 8.88 -2.22
CA MET A 675 1.90 10.21 -1.97
C MET A 675 0.97 11.08 -1.13
N HIS A 676 -0.32 10.74 -1.05
CA HIS A 676 -1.23 11.46 -0.16
C HIS A 676 -0.96 11.14 1.30
N ASN A 677 -0.39 9.98 1.59
CA ASN A 677 -0.14 9.55 2.96
C ASN A 677 1.06 10.31 3.51
N LYS A 678 0.82 11.19 4.48
CA LYS A 678 1.88 12.02 5.04
C LYS A 678 2.91 11.23 5.82
N THR A 679 2.65 9.96 6.13
CA THR A 679 3.63 9.15 6.84
C THR A 679 4.76 8.69 5.93
N VAL A 680 4.54 8.62 4.62
CA VAL A 680 5.54 8.09 3.69
C VAL A 680 5.70 9.02 2.49
N SER A 681 5.05 10.18 2.52
CA SER A 681 5.08 11.07 1.36
C SER A 681 6.47 11.62 1.09
N GLN A 682 7.26 11.87 2.15
CA GLN A 682 8.61 12.36 1.94
C GLN A 682 9.52 11.27 1.38
N ARG A 683 9.47 10.08 1.98
CA ARG A 683 10.31 8.98 1.51
C ARG A 683 9.95 8.60 0.07
N PHE A 684 8.66 8.43 -0.21
CA PHE A 684 8.24 8.06 -1.55
C PHE A 684 8.45 9.19 -2.55
N GLY A 685 8.37 10.44 -2.09
CA GLY A 685 8.62 11.56 -2.99
C GLY A 685 10.06 11.65 -3.42
N LEU A 686 11.00 11.43 -2.49
CA LEU A 686 12.42 11.43 -2.84
C LEU A 686 12.77 10.27 -3.75
N LEU A 687 12.11 9.12 -3.56
CA LEU A 687 12.40 7.95 -4.40
C LEU A 687 11.80 8.12 -5.79
N LEU A 688 10.58 8.65 -5.87
CA LEU A 688 9.98 8.92 -7.17
C LEU A 688 10.76 9.97 -7.95
N GLU A 689 11.36 10.93 -7.25
CA GLU A 689 12.16 11.95 -7.93
C GLU A 689 13.35 11.33 -8.63
N SER A 690 14.11 10.49 -7.92
CA SER A 690 15.26 9.83 -8.52
C SER A 690 14.85 8.88 -9.63
N TYR A 691 13.68 8.27 -9.52
CA TYR A 691 13.21 7.38 -10.59
C TYR A 691 12.87 8.17 -11.84
N CYS A 692 12.02 9.20 -11.71
CA CYS A 692 11.68 10.02 -12.87
C CYS A 692 12.87 10.76 -13.43
N ARG A 693 13.91 11.00 -12.61
CA ARG A 693 15.11 11.66 -13.09
C ARG A 693 15.87 10.78 -14.09
N ALA A 694 15.77 9.47 -13.95
CA ALA A 694 16.58 8.56 -14.75
C ALA A 694 15.78 7.51 -15.52
N CYS A 695 14.44 7.55 -15.48
CA CYS A 695 13.64 6.56 -16.18
C CYS A 695 13.61 6.80 -17.69
N GLY A 696 14.13 7.93 -18.17
CA GLY A 696 14.22 8.15 -19.60
C GLY A 696 12.93 8.67 -20.19
N MET A 697 12.69 8.27 -21.45
CA MET A 697 11.53 8.77 -22.19
C MET A 697 10.21 8.27 -21.62
N TYR A 698 10.22 7.29 -20.73
CA TYR A 698 8.97 6.80 -20.17
C TYR A 698 8.33 7.79 -19.21
N LEU A 699 9.07 8.82 -18.78
CA LEU A 699 8.45 9.89 -18.01
C LEU A 699 7.39 10.63 -18.82
N LYS A 700 7.62 10.76 -20.14
CA LYS A 700 6.61 11.36 -21.00
C LYS A 700 5.32 10.55 -21.00
N HIS A 701 5.43 9.22 -21.16
CA HIS A 701 4.25 8.38 -21.15
C HIS A 701 3.56 8.38 -19.79
N LEU A 702 4.35 8.45 -18.71
CA LEU A 702 3.76 8.46 -17.38
C LEU A 702 2.99 9.75 -17.12
N ASN A 703 3.49 10.87 -17.61
CA ASN A 703 2.77 12.13 -17.44
C ASN A 703 1.47 12.15 -18.23
N ARG A 704 1.42 11.44 -19.36
CA ARG A 704 0.16 11.30 -20.08
C ARG A 704 -0.83 10.45 -19.31
N GLN A 705 -0.36 9.38 -18.65
CA GLN A 705 -1.23 8.59 -17.80
C GLN A 705 -1.72 9.40 -16.62
N VAL A 706 -0.86 10.25 -16.05
CA VAL A 706 -1.21 11.00 -14.85
C VAL A 706 -2.27 12.05 -15.17
N GLU A 707 -2.03 12.86 -16.21
CA GLU A 707 -3.01 13.88 -16.58
C GLU A 707 -4.32 13.28 -17.07
N ALA A 708 -4.30 12.05 -17.58
CA ALA A 708 -5.55 11.36 -17.90
C ALA A 708 -6.30 10.97 -16.64
N MET A 709 -5.59 10.45 -15.64
CA MET A 709 -6.24 10.11 -14.38
C MET A 709 -6.72 11.35 -13.64
N GLU A 710 -6.06 12.49 -13.85
CA GLU A 710 -6.49 13.72 -13.18
C GLU A 710 -7.83 14.22 -13.73
N LYS A 711 -8.03 14.10 -15.05
CA LYS A 711 -9.30 14.53 -15.62
C LYS A 711 -10.42 13.55 -15.28
N LEU A 712 -10.09 12.27 -15.06
CA LEU A 712 -11.09 11.32 -14.59
C LEU A 712 -11.47 11.60 -13.14
N ILE A 713 -10.49 11.96 -12.31
CA ILE A 713 -10.77 12.31 -10.91
C ILE A 713 -11.63 13.57 -10.85
N ASN A 714 -11.25 14.60 -11.64
CA ASN A 714 -12.01 15.83 -11.65
C ASN A 714 -13.44 15.59 -12.14
N LEU A 715 -13.60 14.74 -13.15
CA LEU A 715 -14.93 14.49 -13.70
C LEU A 715 -15.81 13.73 -12.72
N THR A 716 -15.26 12.73 -12.03
CA THR A 716 -16.05 11.98 -11.07
C THR A 716 -16.31 12.79 -9.80
N ASP A 717 -15.42 13.72 -9.46
CA ASP A 717 -15.66 14.59 -8.32
C ASP A 717 -16.86 15.50 -8.56
N ILE A 718 -17.01 16.00 -9.79
CA ILE A 718 -18.14 16.84 -10.12
C ILE A 718 -19.44 16.06 -10.02
N LEU A 719 -19.41 14.77 -10.35
CA LEU A 719 -20.64 13.98 -10.40
C LEU A 719 -21.17 13.67 -9.01
N LYS A 720 -20.31 13.56 -8.01
CA LYS A 720 -20.73 13.19 -6.66
C LYS A 720 -20.66 14.37 -5.68
N GLN A 721 -20.56 15.60 -6.19
CA GLN A 721 -20.55 16.76 -5.32
C GLN A 721 -21.59 17.79 -5.77
N GLU A 722 -21.31 18.50 -6.87
CA GLU A 722 -22.25 19.51 -7.34
C GLU A 722 -23.45 18.89 -8.06
N LYS A 723 -23.25 17.76 -8.74
CA LYS A 723 -24.32 17.12 -9.51
C LYS A 723 -24.79 15.82 -8.87
N LYS A 724 -24.58 15.67 -7.56
CA LYS A 724 -24.99 14.43 -6.89
C LYS A 724 -26.50 14.28 -6.86
N ASP A 725 -27.24 15.39 -6.79
CA ASP A 725 -28.70 15.36 -6.68
C ASP A 725 -29.39 15.45 -8.03
N GLU A 726 -28.79 14.89 -9.08
CA GLU A 726 -29.36 14.95 -10.42
C GLU A 726 -29.47 13.55 -11.00
N THR A 727 -30.36 13.42 -11.98
CA THR A 727 -30.72 12.12 -12.52
C THR A 727 -29.58 11.51 -13.33
N GLN A 728 -29.78 10.25 -13.73
CA GLN A 728 -28.79 9.56 -14.56
C GLN A 728 -28.69 10.19 -15.94
N LYS A 729 -29.81 10.67 -16.48
CA LYS A 729 -29.79 11.27 -17.81
C LYS A 729 -29.09 12.61 -17.81
N VAL A 730 -29.28 13.40 -16.76
CA VAL A 730 -28.60 14.70 -16.68
C VAL A 730 -27.10 14.50 -16.50
N GLN A 731 -26.69 13.55 -15.66
CA GLN A 731 -25.26 13.30 -15.48
C GLN A 731 -24.63 12.66 -16.71
N MET A 732 -25.40 11.88 -17.47
CA MET A 732 -24.87 11.31 -18.70
C MET A 732 -24.74 12.36 -19.79
N LYS A 733 -25.66 13.32 -19.83
CA LYS A 733 -25.54 14.42 -20.79
C LYS A 733 -24.35 15.29 -20.44
N PHE A 734 -24.13 15.56 -19.15
CA PHE A 734 -22.93 16.28 -18.74
C PHE A 734 -21.66 15.48 -19.04
N LEU A 735 -21.75 14.15 -18.96
CA LEU A 735 -20.59 13.32 -19.24
C LEU A 735 -20.22 13.37 -20.71
N VAL A 736 -21.19 13.13 -21.60
CA VAL A 736 -20.90 13.07 -23.02
C VAL A 736 -20.53 14.44 -23.57
N GLU A 737 -21.09 15.51 -22.99
CA GLU A 737 -20.74 16.85 -23.44
C GLU A 737 -19.33 17.23 -23.01
N GLN A 738 -18.94 16.84 -21.79
CA GLN A 738 -17.64 17.24 -21.28
C GLN A 738 -16.52 16.39 -21.86
N MET A 739 -16.77 15.11 -22.11
CA MET A 739 -15.74 14.23 -22.65
C MET A 739 -15.41 14.55 -24.10
N ARG A 740 -16.28 15.26 -24.81
CA ARG A 740 -16.05 15.60 -26.20
C ARG A 740 -15.27 16.90 -26.38
N ARG A 741 -14.91 17.57 -25.30
CA ARG A 741 -14.13 18.79 -25.41
C ARG A 741 -12.71 18.48 -25.88
N PRO A 742 -12.06 19.41 -26.57
CA PRO A 742 -10.71 19.13 -27.09
C PRO A 742 -9.68 18.86 -26.00
N ASP A 743 -9.71 19.64 -24.91
CA ASP A 743 -8.77 19.40 -23.83
C ASP A 743 -8.95 18.02 -23.21
N PHE A 744 -10.21 17.57 -23.11
CA PHE A 744 -10.46 16.24 -22.55
C PHE A 744 -10.07 15.15 -23.54
N MET A 745 -10.32 15.37 -24.84
CA MET A 745 -10.02 14.35 -25.83
C MET A 745 -8.52 14.17 -26.01
N ASP A 746 -7.73 15.24 -25.86
CA ASP A 746 -6.28 15.11 -25.98
C ASP A 746 -5.69 14.30 -24.84
N ALA A 747 -6.32 14.31 -23.68
CA ALA A 747 -5.76 13.69 -22.49
C ALA A 747 -6.11 12.22 -22.37
N LEU A 748 -7.35 11.83 -22.71
CA LEU A 748 -7.83 10.48 -22.49
C LEU A 748 -7.78 9.62 -23.75
N GLN A 749 -6.99 10.02 -24.75
CA GLN A 749 -6.82 9.24 -25.96
C GLN A 749 -5.35 9.18 -26.31
N GLY A 750 -4.85 7.98 -26.60
CA GLY A 750 -3.47 7.82 -27.02
C GLY A 750 -2.48 7.78 -25.87
N PHE A 751 -2.71 6.89 -24.92
CA PHE A 751 -1.78 6.71 -23.81
C PHE A 751 -1.82 5.25 -23.37
N LEU A 752 -0.84 4.88 -22.54
CA LEU A 752 -0.70 3.49 -22.11
C LEU A 752 -1.61 3.20 -20.92
N SER A 753 -2.14 1.99 -20.89
CA SER A 753 -3.03 1.59 -19.80
C SER A 753 -2.24 1.41 -18.52
N PRO A 754 -2.64 2.06 -17.42
CA PRO A 754 -1.95 1.84 -16.14
C PRO A 754 -2.10 0.43 -15.60
N LEU A 755 -3.12 -0.32 -16.04
CA LEU A 755 -3.25 -1.70 -15.62
C LEU A 755 -2.21 -2.60 -16.29
N ASN A 756 -1.85 -2.29 -17.53
CA ASN A 756 -0.85 -3.03 -18.26
C ASN A 756 -0.23 -2.11 -19.32
N PRO A 757 1.01 -1.65 -19.12
CA PRO A 757 1.61 -0.71 -20.08
C PRO A 757 1.83 -1.29 -21.46
N ALA A 758 1.67 -2.60 -21.65
CA ALA A 758 1.71 -3.17 -22.99
C ALA A 758 0.43 -2.91 -23.77
N HIS A 759 -0.64 -2.50 -23.11
CA HIS A 759 -1.90 -2.19 -23.75
C HIS A 759 -1.95 -0.70 -24.09
N GLN A 760 -2.14 -0.39 -25.37
CA GLN A 760 -2.26 0.99 -25.83
C GLN A 760 -3.73 1.36 -25.92
N LEU A 761 -4.13 2.40 -25.19
CA LEU A 761 -5.49 2.93 -25.25
C LEU A 761 -5.56 3.97 -26.36
N GLY A 762 -6.32 3.68 -27.40
CA GLY A 762 -6.42 4.56 -28.54
C GLY A 762 -7.54 5.58 -28.41
N ASN A 763 -8.39 5.66 -29.44
CA ASN A 763 -9.51 6.59 -29.41
C ASN A 763 -10.60 6.09 -28.47
N LEU A 764 -11.19 7.02 -27.72
CA LEU A 764 -12.32 6.70 -26.88
C LEU A 764 -13.55 6.37 -27.72
N ARG A 765 -14.30 5.37 -27.30
CA ARG A 765 -15.61 5.07 -27.88
C ARG A 765 -16.65 5.65 -26.91
N LEU A 766 -17.00 6.91 -27.14
CA LEU A 766 -17.91 7.61 -26.23
C LEU A 766 -19.28 6.95 -26.18
N GLU A 767 -19.68 6.25 -27.25
CA GLU A 767 -20.97 5.57 -27.24
C GLU A 767 -21.01 4.41 -26.26
N GLU A 768 -19.85 3.85 -25.90
CA GLU A 768 -19.79 2.74 -24.96
C GLU A 768 -19.50 3.17 -23.54
N CYS A 769 -19.13 4.43 -23.32
CA CYS A 769 -18.79 4.91 -21.98
C CYS A 769 -20.06 5.20 -21.19
N ARG A 770 -20.12 4.71 -19.96
CA ARG A 770 -21.31 4.81 -19.13
C ARG A 770 -20.92 5.16 -17.71
N ILE A 771 -21.92 5.61 -16.94
CA ILE A 771 -21.79 5.84 -15.51
C ILE A 771 -22.60 4.76 -14.81
N MET A 772 -21.90 3.86 -14.11
CA MET A 772 -22.56 2.76 -13.43
C MET A 772 -23.47 3.28 -12.31
N SER A 773 -24.47 2.48 -11.99
CA SER A 773 -25.54 2.89 -11.08
C SER A 773 -25.15 2.83 -9.61
N SER A 774 -23.87 2.67 -9.29
CA SER A 774 -23.44 2.67 -7.91
C SER A 774 -23.39 4.09 -7.36
N ALA A 775 -23.45 4.21 -6.03
CA ALA A 775 -23.41 5.53 -5.40
C ALA A 775 -22.06 6.20 -5.62
N LYS A 776 -20.99 5.43 -5.78
CA LYS A 776 -19.68 6.00 -6.06
C LYS A 776 -19.56 6.49 -7.50
N ARG A 777 -20.55 6.22 -8.34
CA ARG A 777 -20.55 6.58 -9.75
C ARG A 777 -19.27 6.10 -10.46
N PRO A 778 -19.06 4.79 -10.54
CA PRO A 778 -17.91 4.28 -11.31
C PRO A 778 -18.12 4.52 -12.79
N LEU A 779 -17.01 4.76 -13.49
CA LEU A 779 -17.04 5.05 -14.92
C LEU A 779 -16.65 3.82 -15.71
N TRP A 780 -17.50 3.43 -16.66
CA TRP A 780 -17.25 2.33 -17.57
C TRP A 780 -16.66 2.92 -18.84
N LEU A 781 -15.35 2.82 -19.00
CA LEU A 781 -14.65 3.44 -20.12
C LEU A 781 -14.24 2.40 -21.14
N ASN A 782 -14.23 2.80 -22.42
CA ASN A 782 -13.94 1.92 -23.54
C ASN A 782 -12.99 2.62 -24.49
N TRP A 783 -11.94 1.91 -24.90
CA TRP A 783 -10.94 2.45 -25.82
C TRP A 783 -10.76 1.50 -27.00
N GLU A 784 -10.40 2.07 -28.14
CA GLU A 784 -9.98 1.26 -29.29
C GLU A 784 -8.55 0.77 -29.08
N ASN A 785 -8.22 -0.33 -29.74
CA ASN A 785 -6.85 -0.82 -29.74
C ASN A 785 -6.17 -0.35 -31.01
N PRO A 786 -5.23 0.61 -30.93
CA PRO A 786 -4.57 1.09 -32.15
C PRO A 786 -3.60 0.10 -32.77
N ASP A 787 -3.40 -1.06 -32.15
CA ASP A 787 -2.53 -2.07 -32.73
C ASP A 787 -3.05 -2.50 -34.10
N ILE A 788 -2.11 -2.83 -34.99
CA ILE A 788 -2.50 -3.17 -36.36
C ILE A 788 -3.32 -4.46 -36.39
N MET A 789 -3.14 -5.34 -35.40
CA MET A 789 -3.82 -6.63 -35.35
C MET A 789 -4.55 -6.75 -34.01
N SER A 790 -5.57 -5.91 -33.82
CA SER A 790 -6.36 -5.95 -32.60
C SER A 790 -7.29 -7.15 -32.56
N GLU A 791 -7.70 -7.64 -33.74
CA GLU A 791 -8.69 -8.71 -33.79
C GLU A 791 -8.15 -10.01 -33.21
N LEU A 792 -6.83 -10.18 -33.21
CA LEU A 792 -6.23 -11.41 -32.71
C LEU A 792 -6.05 -11.41 -31.20
N LEU A 793 -6.28 -10.29 -30.53
CA LEU A 793 -6.18 -10.23 -29.07
C LEU A 793 -7.45 -9.63 -28.48
N PHE A 794 -7.58 -8.31 -28.56
CA PHE A 794 -8.82 -7.64 -28.16
C PHE A 794 -8.91 -6.32 -28.91
N GLN A 795 -10.07 -6.04 -29.48
CA GLN A 795 -10.26 -4.80 -30.22
C GLN A 795 -10.65 -3.64 -29.32
N ASN A 796 -11.35 -3.92 -28.23
CA ASN A 796 -11.76 -2.90 -27.28
C ASN A 796 -11.12 -3.19 -25.92
N ASN A 797 -10.69 -2.14 -25.25
CA ASN A 797 -10.11 -2.24 -23.91
C ASN A 797 -11.05 -1.50 -22.95
N GLU A 798 -11.69 -2.25 -22.07
CA GLU A 798 -12.68 -1.71 -21.14
C GLU A 798 -12.11 -1.69 -19.73
N ILE A 799 -12.14 -0.52 -19.10
CA ILE A 799 -11.61 -0.33 -17.76
C ILE A 799 -12.67 0.41 -16.93
N ILE A 800 -12.75 0.06 -15.65
CA ILE A 800 -13.67 0.69 -14.72
C ILE A 800 -12.87 1.62 -13.83
N PHE A 801 -13.12 2.92 -13.95
CA PHE A 801 -12.50 3.92 -13.09
C PHE A 801 -13.42 4.15 -11.89
N LYS A 802 -12.87 3.98 -10.69
CA LYS A 802 -13.65 4.12 -9.46
C LYS A 802 -13.03 5.19 -8.58
N ASN A 803 -13.83 6.17 -8.18
CA ASN A 803 -13.41 7.25 -7.29
C ASN A 803 -14.29 7.18 -6.05
N GLY A 804 -13.69 6.82 -4.92
CA GLY A 804 -14.41 6.80 -3.67
C GLY A 804 -14.09 5.64 -2.75
N ASP A 805 -13.92 4.44 -3.31
CA ASP A 805 -13.68 3.24 -2.52
C ASP A 805 -12.21 2.88 -2.51
N ASP A 806 -11.74 2.40 -1.36
CA ASP A 806 -10.37 1.91 -1.23
C ASP A 806 -10.24 0.57 -1.95
N LEU A 807 -9.29 0.49 -2.88
CA LEU A 807 -9.11 -0.71 -3.69
C LEU A 807 -7.82 -1.46 -3.35
N ARG A 808 -7.20 -1.15 -2.22
CA ARG A 808 -5.96 -1.83 -1.85
C ARG A 808 -6.22 -3.27 -1.45
N GLN A 809 -7.33 -3.54 -0.76
CA GLN A 809 -7.65 -4.91 -0.38
C GLN A 809 -8.04 -5.76 -1.59
N ASP A 810 -8.73 -5.16 -2.55
CA ASP A 810 -8.99 -5.85 -3.81
C ASP A 810 -7.70 -6.15 -4.55
N MET A 811 -6.77 -5.19 -4.56
CA MET A 811 -5.50 -5.37 -5.24
C MET A 811 -4.69 -6.51 -4.61
N LEU A 812 -4.64 -6.55 -3.28
CA LEU A 812 -3.90 -7.61 -2.61
C LEU A 812 -4.56 -8.96 -2.82
N THR A 813 -5.89 -9.04 -2.69
CA THR A 813 -6.57 -10.32 -2.84
C THR A 813 -6.43 -10.87 -4.24
N LEU A 814 -6.59 -10.02 -5.27
CA LEU A 814 -6.40 -10.47 -6.64
C LEU A 814 -4.96 -10.86 -6.90
N GLN A 815 -4.00 -10.24 -6.19
CA GLN A 815 -2.62 -10.68 -6.29
C GLN A 815 -2.42 -12.05 -5.66
N ILE A 816 -3.04 -12.27 -4.50
CA ILE A 816 -2.94 -13.57 -3.84
C ILE A 816 -3.60 -14.66 -4.69
N ILE A 817 -4.73 -14.33 -5.32
CA ILE A 817 -5.41 -15.29 -6.17
C ILE A 817 -4.52 -15.72 -7.33
N ARG A 818 -3.79 -14.77 -7.93
CA ARG A 818 -2.89 -15.11 -9.02
C ARG A 818 -1.73 -15.97 -8.52
N ILE A 819 -1.25 -15.71 -7.31
CA ILE A 819 -0.15 -16.51 -6.77
C ILE A 819 -0.61 -17.92 -6.46
N MET A 820 -1.82 -18.06 -5.91
CA MET A 820 -2.38 -19.39 -5.64
C MET A 820 -2.56 -20.16 -6.95
N GLU A 821 -3.05 -19.50 -8.00
CA GLU A 821 -3.26 -20.18 -9.27
C GLU A 821 -1.93 -20.66 -9.85
N ASN A 822 -0.86 -19.89 -9.66
CA ASN A 822 0.44 -20.31 -10.17
C ASN A 822 0.98 -21.51 -9.39
N ILE A 823 0.77 -21.53 -8.08
CA ILE A 823 1.17 -22.69 -7.28
C ILE A 823 0.46 -23.94 -7.77
N TRP A 824 -0.82 -23.82 -8.13
CA TRP A 824 -1.58 -24.97 -8.61
C TRP A 824 -1.08 -25.44 -9.97
N GLN A 825 -0.83 -24.51 -10.89
CA GLN A 825 -0.41 -24.90 -12.23
C GLN A 825 0.93 -25.61 -12.21
N ASN A 826 1.85 -25.18 -11.35
CA ASN A 826 3.15 -25.84 -11.27
C ASN A 826 3.04 -27.24 -10.71
N GLN A 827 2.01 -27.52 -9.90
CA GLN A 827 1.81 -28.84 -9.32
C GLN A 827 0.85 -29.69 -10.14
N GLY A 828 0.58 -29.32 -11.39
CA GLY A 828 -0.29 -30.11 -12.25
C GLY A 828 -1.77 -29.90 -12.05
N LEU A 829 -2.17 -28.97 -11.19
CA LEU A 829 -3.58 -28.67 -10.96
C LEU A 829 -4.01 -27.56 -11.90
N ASP A 830 -4.88 -27.90 -12.85
CA ASP A 830 -5.37 -26.92 -13.82
C ASP A 830 -6.69 -26.31 -13.31
N LEU A 831 -6.56 -25.57 -12.22
CA LEU A 831 -7.69 -24.83 -11.64
C LEU A 831 -7.60 -23.40 -12.14
N ARG A 832 -8.45 -23.06 -13.11
CA ARG A 832 -8.35 -21.80 -13.83
C ARG A 832 -9.01 -20.69 -13.02
N MET A 833 -8.22 -19.74 -12.57
CA MET A 833 -8.70 -18.55 -11.87
C MET A 833 -8.75 -17.37 -12.83
N LEU A 834 -9.36 -16.28 -12.37
CA LEU A 834 -9.47 -15.04 -13.14
C LEU A 834 -9.14 -13.87 -12.24
N PRO A 835 -7.85 -13.60 -12.01
CA PRO A 835 -7.45 -12.42 -11.23
C PRO A 835 -7.29 -11.19 -12.14
N TYR A 836 -8.42 -10.54 -12.41
CA TYR A 836 -8.42 -9.38 -13.29
C TYR A 836 -7.60 -8.25 -12.68
N GLY A 837 -7.22 -7.30 -13.53
CA GLY A 837 -6.38 -6.20 -13.08
C GLY A 837 -7.10 -5.28 -12.11
N CYS A 838 -6.35 -4.78 -11.13
CA CYS A 838 -6.87 -3.81 -10.18
C CYS A 838 -5.69 -3.05 -9.62
N LEU A 839 -5.67 -1.73 -9.81
CA LEU A 839 -4.53 -0.90 -9.44
C LEU A 839 -5.02 0.33 -8.70
N SER A 840 -4.63 0.46 -7.44
CA SER A 840 -4.85 1.70 -6.71
C SER A 840 -3.87 2.76 -7.21
N ILE A 841 -4.41 3.91 -7.64
CA ILE A 841 -3.59 4.99 -8.15
C ILE A 841 -3.52 6.18 -7.21
N GLY A 842 -4.33 6.19 -6.16
CA GLY A 842 -4.29 7.29 -5.22
C GLY A 842 -5.09 6.98 -3.98
N ASP A 843 -5.55 8.04 -3.33
CA ASP A 843 -6.38 7.91 -2.13
C ASP A 843 -7.79 7.52 -2.56
N CYS A 844 -8.09 6.22 -2.44
CA CYS A 844 -9.42 5.68 -2.79
C CYS A 844 -9.76 5.93 -4.25
N VAL A 845 -8.76 5.84 -5.12
CA VAL A 845 -8.94 5.94 -6.56
C VAL A 845 -8.23 4.76 -7.20
N GLY A 846 -8.85 4.16 -8.21
CA GLY A 846 -8.24 2.99 -8.82
C GLY A 846 -8.92 2.60 -10.12
N LEU A 847 -8.29 1.66 -10.81
CA LEU A 847 -8.78 1.10 -12.05
C LEU A 847 -9.02 -0.39 -11.89
N ILE A 848 -10.01 -0.91 -12.62
CA ILE A 848 -10.39 -2.32 -12.54
C ILE A 848 -10.58 -2.83 -13.96
N GLU A 849 -9.94 -3.96 -14.27
CA GLU A 849 -10.08 -4.56 -15.60
C GLU A 849 -11.45 -5.17 -15.76
N VAL A 850 -12.02 -5.02 -16.95
CA VAL A 850 -13.33 -5.58 -17.28
C VAL A 850 -13.12 -6.94 -17.96
N VAL A 851 -13.89 -7.93 -17.53
CA VAL A 851 -13.90 -9.24 -18.18
C VAL A 851 -14.89 -9.16 -19.35
N ARG A 852 -14.44 -9.61 -20.53
CA ARG A 852 -15.16 -9.30 -21.76
C ARG A 852 -16.55 -9.94 -21.79
N ASN A 853 -16.62 -11.27 -21.74
CA ASN A 853 -17.90 -11.95 -21.88
C ASN A 853 -18.36 -12.58 -20.59
N SER A 854 -18.54 -11.78 -19.54
CA SER A 854 -18.95 -12.27 -18.25
C SER A 854 -20.28 -11.65 -17.82
N HIS A 855 -21.03 -12.39 -17.00
CA HIS A 855 -22.31 -11.93 -16.47
C HIS A 855 -22.45 -12.44 -15.04
N THR A 856 -23.03 -11.62 -14.18
CA THR A 856 -23.30 -12.07 -12.82
C THR A 856 -24.38 -13.15 -12.83
N ILE A 857 -24.42 -13.91 -11.74
CA ILE A 857 -25.42 -14.97 -11.61
C ILE A 857 -26.83 -14.38 -11.62
N MET A 858 -26.99 -13.18 -11.08
CA MET A 858 -28.31 -12.54 -11.07
C MET A 858 -28.79 -12.23 -12.48
N GLN A 859 -27.87 -11.82 -13.36
CA GLN A 859 -28.24 -11.61 -14.75
C GLN A 859 -28.69 -12.90 -15.43
N ILE A 860 -28.00 -14.00 -15.12
CA ILE A 860 -28.37 -15.31 -15.66
C ILE A 860 -29.78 -15.67 -15.24
N GLN A 861 -30.12 -15.41 -13.97
CA GLN A 861 -31.46 -15.73 -13.47
C GLN A 861 -32.51 -14.80 -14.06
N CYS A 862 -32.12 -13.58 -14.44
CA CYS A 862 -33.05 -12.62 -15.03
C CYS A 862 -32.86 -12.52 -16.54
N PHE A 872 -37.87 -18.79 -11.62
CA PHE A 872 -36.86 -18.88 -10.58
C PHE A 872 -36.45 -20.34 -10.36
N ASN A 873 -35.84 -20.93 -11.39
CA ASN A 873 -35.46 -22.33 -11.39
C ASN A 873 -33.98 -22.49 -11.12
N SER A 874 -33.62 -23.51 -10.35
CA SER A 874 -32.20 -23.79 -10.10
C SER A 874 -31.47 -24.17 -11.38
N HIS A 875 -32.17 -24.81 -12.31
CA HIS A 875 -31.57 -25.22 -13.58
C HIS A 875 -31.36 -24.05 -14.54
N THR A 876 -31.73 -22.82 -14.16
CA THR A 876 -31.57 -21.70 -15.07
C THR A 876 -30.10 -21.45 -15.41
N LEU A 877 -29.22 -21.60 -14.42
CA LEU A 877 -27.79 -21.44 -14.68
C LEU A 877 -27.26 -22.55 -15.57
N HIS A 878 -27.67 -23.79 -15.32
CA HIS A 878 -27.19 -24.91 -16.12
C HIS A 878 -27.73 -24.84 -17.54
N GLN A 879 -29.00 -24.45 -17.70
CA GLN A 879 -29.57 -24.32 -19.04
C GLN A 879 -28.92 -23.17 -19.80
N TRP A 880 -28.49 -22.12 -19.10
CA TRP A 880 -27.80 -21.02 -19.75
C TRP A 880 -26.44 -21.46 -20.28
N LEU A 881 -25.73 -22.31 -19.52
CA LEU A 881 -24.46 -22.85 -19.98
C LEU A 881 -24.64 -23.91 -21.05
N LYS A 882 -25.81 -24.56 -21.12
CA LYS A 882 -26.09 -25.46 -22.23
C LYS A 882 -26.15 -24.69 -23.54
N ASP A 883 -26.82 -23.54 -23.54
CA ASP A 883 -26.63 -22.57 -24.61
C ASP A 883 -25.22 -21.99 -24.53
N LYS A 884 -24.86 -21.24 -25.57
CA LYS A 884 -23.51 -20.70 -25.75
C LYS A 884 -22.51 -21.81 -26.08
N ASN A 885 -22.42 -22.82 -25.22
CA ASN A 885 -21.52 -23.96 -25.42
C ASN A 885 -22.25 -25.20 -25.90
N LYS A 886 -23.31 -25.03 -26.70
CA LYS A 886 -24.08 -26.18 -27.16
C LYS A 886 -23.29 -27.01 -28.15
N GLY A 887 -23.53 -28.32 -28.12
CA GLY A 887 -22.85 -29.24 -29.02
C GLY A 887 -21.71 -29.98 -28.38
N GLU A 888 -20.62 -30.17 -29.12
CA GLU A 888 -19.48 -30.94 -28.64
C GLU A 888 -18.60 -30.15 -27.68
N ILE A 889 -18.82 -28.85 -27.52
CA ILE A 889 -18.03 -28.04 -26.61
C ILE A 889 -18.74 -27.95 -25.26
N TYR A 890 -19.61 -28.92 -24.98
CA TYR A 890 -20.33 -28.92 -23.72
C TYR A 890 -19.47 -29.47 -22.58
N ASP A 891 -18.75 -30.57 -22.83
CA ASP A 891 -17.91 -31.16 -21.78
C ASP A 891 -16.78 -30.22 -21.39
N ALA A 892 -16.34 -29.36 -22.29
CA ALA A 892 -15.30 -28.39 -21.95
C ALA A 892 -15.82 -27.27 -21.08
N ALA A 893 -17.09 -26.88 -21.25
CA ALA A 893 -17.67 -25.84 -20.42
C ALA A 893 -17.93 -26.33 -19.01
N ILE A 894 -18.43 -27.57 -18.87
CA ILE A 894 -18.66 -28.14 -17.55
C ILE A 894 -17.33 -28.34 -16.84
N ASP A 895 -16.31 -28.81 -17.57
CA ASP A 895 -14.99 -29.00 -16.96
C ASP A 895 -14.40 -27.67 -16.51
N LEU A 896 -14.54 -26.64 -17.34
CA LEU A 896 -14.02 -25.32 -16.97
C LEU A 896 -14.77 -24.74 -15.78
N PHE A 897 -16.08 -24.97 -15.73
CA PHE A 897 -16.87 -24.45 -14.61
C PHE A 897 -16.52 -25.16 -13.31
N THR A 898 -16.29 -26.47 -13.38
CA THR A 898 -15.94 -27.22 -12.18
C THR A 898 -14.57 -26.82 -11.65
N ARG A 899 -13.58 -26.68 -12.54
CA ARG A 899 -12.24 -26.34 -12.11
C ARG A 899 -12.15 -24.91 -11.59
N SER A 900 -12.92 -23.98 -12.16
CA SER A 900 -12.94 -22.62 -11.66
C SER A 900 -13.64 -22.55 -10.31
N CYS A 901 -14.71 -23.33 -10.12
CA CYS A 901 -15.38 -23.39 -8.83
C CYS A 901 -14.45 -23.95 -7.75
N ALA A 902 -13.66 -24.96 -8.09
CA ALA A 902 -12.76 -25.56 -7.11
C ALA A 902 -11.72 -24.57 -6.62
N GLY A 903 -11.15 -23.78 -7.54
CA GLY A 903 -10.16 -22.80 -7.14
C GLY A 903 -10.73 -21.70 -6.26
N TYR A 904 -11.91 -21.20 -6.62
CA TYR A 904 -12.51 -20.11 -5.85
C TYR A 904 -13.14 -20.60 -4.55
N CYS A 905 -13.56 -21.87 -4.50
CA CYS A 905 -14.08 -22.41 -3.24
C CYS A 905 -12.96 -22.53 -2.21
N VAL A 906 -11.77 -22.94 -2.64
CA VAL A 906 -10.64 -23.06 -1.74
C VAL A 906 -10.05 -21.69 -1.41
N ALA A 907 -9.92 -20.83 -2.43
CA ALA A 907 -9.27 -19.54 -2.22
C ALA A 907 -10.06 -18.65 -1.27
N THR A 908 -11.38 -18.57 -1.45
CA THR A 908 -12.18 -17.71 -0.60
C THR A 908 -12.29 -18.25 0.82
N PHE A 909 -12.15 -19.56 1.00
CA PHE A 909 -12.18 -20.12 2.35
C PHE A 909 -10.89 -19.82 3.10
N ILE A 910 -9.74 -19.90 2.42
CA ILE A 910 -8.48 -19.64 3.07
C ILE A 910 -8.34 -18.17 3.42
N LEU A 911 -8.82 -17.28 2.55
CA LEU A 911 -8.60 -15.85 2.69
C LEU A 911 -9.68 -15.15 3.49
N GLY A 912 -10.81 -15.79 3.77
CA GLY A 912 -11.88 -15.14 4.50
C GLY A 912 -12.54 -14.00 3.76
N ILE A 913 -12.74 -14.16 2.44
CA ILE A 913 -13.38 -13.13 1.65
C ILE A 913 -14.82 -12.95 2.12
N GLY A 914 -15.35 -11.74 1.92
CA GLY A 914 -16.75 -11.46 2.26
C GLY A 914 -17.71 -12.44 1.62
N ASP A 915 -18.88 -12.62 2.22
CA ASP A 915 -19.83 -13.60 1.73
C ASP A 915 -20.24 -13.32 0.30
N ARG A 916 -20.47 -14.39 -0.46
CA ARG A 916 -20.80 -14.28 -1.87
C ARG A 916 -22.32 -14.36 -2.05
N HIS A 917 -22.79 -13.77 -3.14
CA HIS A 917 -24.21 -13.82 -3.47
C HIS A 917 -24.34 -13.73 -4.99
N ASN A 918 -25.58 -13.57 -5.46
CA ASN A 918 -25.85 -13.55 -6.90
C ASN A 918 -25.16 -12.39 -7.61
N SER A 919 -24.72 -11.37 -6.89
CA SER A 919 -24.04 -10.23 -7.49
C SER A 919 -22.52 -10.30 -7.35
N ASN A 920 -22.00 -11.16 -6.47
CA ASN A 920 -20.55 -11.31 -6.34
C ASN A 920 -19.99 -12.29 -7.36
N ILE A 921 -20.77 -13.26 -7.80
CA ILE A 921 -20.30 -14.36 -8.62
C ILE A 921 -20.66 -14.09 -10.07
N MET A 922 -19.66 -14.15 -10.95
CA MET A 922 -19.86 -13.97 -12.38
C MET A 922 -19.43 -15.23 -13.12
N VAL A 923 -20.04 -15.46 -14.28
CA VAL A 923 -19.72 -16.60 -15.13
C VAL A 923 -19.54 -16.10 -16.56
N LYS A 924 -18.53 -16.65 -17.24
CA LYS A 924 -18.28 -16.32 -18.63
C LYS A 924 -19.16 -17.17 -19.55
N ASP A 925 -19.22 -16.75 -20.81
CA ASP A 925 -19.75 -17.64 -21.84
C ASP A 925 -18.87 -18.86 -22.01
N ASP A 926 -17.58 -18.74 -21.65
CA ASP A 926 -16.67 -19.88 -21.66
C ASP A 926 -17.10 -20.96 -20.68
N GLY A 927 -17.87 -20.59 -19.66
CA GLY A 927 -18.13 -21.46 -18.53
C GLY A 927 -17.25 -21.19 -17.32
N GLN A 928 -16.33 -20.24 -17.43
CA GLN A 928 -15.38 -19.94 -16.37
C GLN A 928 -16.05 -19.10 -15.29
N LEU A 929 -16.03 -19.58 -14.06
CA LEU A 929 -16.63 -18.89 -12.92
C LEU A 929 -15.55 -18.14 -12.15
N PHE A 930 -15.90 -16.97 -11.63
CA PHE A 930 -14.97 -16.17 -10.83
C PHE A 930 -15.78 -15.20 -9.98
N HIS A 931 -15.07 -14.51 -9.09
CA HIS A 931 -15.69 -13.60 -8.14
C HIS A 931 -15.20 -12.17 -8.36
N ILE A 932 -15.97 -11.22 -7.86
CA ILE A 932 -15.62 -9.81 -7.89
C ILE A 932 -15.94 -9.20 -6.53
N ASP A 933 -15.36 -8.03 -6.27
CA ASP A 933 -15.59 -7.27 -5.05
C ASP A 933 -15.06 -8.02 -3.83
N PHE A 934 -13.73 -8.18 -3.78
CA PHE A 934 -13.04 -8.77 -2.63
C PHE A 934 -12.69 -7.67 -1.62
N GLY A 935 -13.73 -6.98 -1.16
CA GLY A 935 -13.50 -5.83 -0.30
C GLY A 935 -12.99 -6.17 1.08
N HIS A 936 -13.42 -7.31 1.62
CA HIS A 936 -13.08 -7.70 2.99
C HIS A 936 -12.39 -9.06 2.99
N PHE A 937 -11.27 -9.16 3.73
CA PHE A 937 -10.61 -10.45 3.92
C PHE A 937 -10.36 -10.69 5.41
N LEU A 938 -9.97 -11.92 5.72
CA LEU A 938 -9.66 -12.36 7.08
C LEU A 938 -10.87 -12.21 8.00
N ASP A 939 -10.63 -12.07 9.31
CA ASP A 939 -11.72 -12.10 10.29
C ASP A 939 -12.25 -10.68 10.51
N HIS A 940 -12.98 -10.20 9.51
CA HIS A 940 -13.54 -8.85 9.61
C HIS A 940 -14.73 -8.79 10.57
N LYS A 941 -15.41 -9.92 10.80
CA LYS A 941 -16.63 -9.93 11.59
C LYS A 941 -16.41 -10.24 13.06
N LYS A 942 -15.21 -10.61 13.47
CA LYS A 942 -15.01 -11.02 14.87
C LYS A 942 -15.12 -9.82 15.80
N LYS A 943 -14.60 -8.66 15.39
CA LYS A 943 -14.69 -7.48 16.25
C LYS A 943 -16.13 -7.00 16.39
N LYS A 944 -16.91 -7.10 15.31
CA LYS A 944 -18.29 -6.63 15.34
C LYS A 944 -19.24 -7.68 15.94
N PHE A 945 -18.89 -8.97 15.86
CA PHE A 945 -19.71 -10.04 16.39
C PHE A 945 -18.79 -11.01 17.13
N GLY A 946 -19.07 -11.23 18.41
CA GLY A 946 -18.13 -11.94 19.27
C GLY A 946 -17.83 -13.36 18.85
N TYR A 947 -18.72 -13.97 18.08
CA TYR A 947 -18.53 -15.35 17.66
C TYR A 947 -17.27 -15.48 16.81
N LYS A 948 -16.49 -16.52 17.08
CA LYS A 948 -15.26 -16.80 16.35
C LYS A 948 -15.46 -18.09 15.55
N ARG A 949 -15.61 -17.95 14.24
CA ARG A 949 -15.78 -19.10 13.35
C ARG A 949 -15.08 -18.79 12.03
N GLU A 950 -14.66 -19.86 11.35
CA GLU A 950 -14.06 -19.73 10.01
C GLU A 950 -15.18 -19.93 9.00
N ARG A 951 -15.64 -18.83 8.41
CA ARG A 951 -16.78 -18.87 7.52
C ARG A 951 -16.44 -19.54 6.20
N VAL A 952 -17.45 -20.09 5.54
CA VAL A 952 -17.34 -20.57 4.17
C VAL A 952 -18.03 -19.54 3.29
N PRO A 953 -17.29 -18.60 2.69
CA PRO A 953 -17.96 -17.53 1.94
C PRO A 953 -18.64 -18.00 0.68
N PHE A 954 -18.07 -19.00 0.00
CA PHE A 954 -18.59 -19.48 -1.28
C PHE A 954 -19.27 -20.83 -1.05
N VAL A 955 -20.46 -20.78 -0.46
CA VAL A 955 -21.27 -21.98 -0.32
C VAL A 955 -21.89 -22.31 -1.68
N LEU A 956 -21.62 -23.52 -2.18
CA LEU A 956 -22.09 -23.92 -3.50
C LEU A 956 -23.55 -24.32 -3.40
N THR A 957 -24.43 -23.47 -3.95
CA THR A 957 -25.85 -23.76 -3.95
C THR A 957 -26.17 -24.91 -4.91
N GLN A 958 -27.44 -25.35 -4.88
CA GLN A 958 -27.88 -26.39 -5.80
C GLN A 958 -27.73 -25.94 -7.25
N ASP A 959 -27.81 -24.62 -7.50
CA ASP A 959 -27.63 -24.11 -8.85
C ASP A 959 -26.25 -24.47 -9.39
N PHE A 960 -25.21 -24.31 -8.58
CA PHE A 960 -23.86 -24.68 -9.02
C PHE A 960 -23.68 -26.19 -9.03
N LEU A 961 -24.34 -26.90 -8.11
CA LEU A 961 -24.19 -28.35 -8.06
C LEU A 961 -24.79 -29.02 -9.29
N ILE A 962 -25.92 -28.49 -9.78
CA ILE A 962 -26.53 -29.03 -10.98
C ILE A 962 -25.61 -28.87 -12.18
N VAL A 963 -24.92 -27.74 -12.26
CA VAL A 963 -24.00 -27.51 -13.38
C VAL A 963 -22.84 -28.51 -13.32
N ILE A 964 -22.26 -28.70 -12.13
CA ILE A 964 -21.13 -29.60 -11.98
C ILE A 964 -21.53 -31.04 -12.31
N SER A 965 -22.75 -31.43 -11.92
CA SER A 965 -23.23 -32.78 -12.15
C SER A 965 -23.95 -32.95 -13.47
N LYS A 966 -23.90 -31.94 -14.34
CA LYS A 966 -24.46 -32.02 -15.69
C LYS A 966 -25.97 -32.28 -15.67
N GLY A 967 -26.66 -31.67 -14.71
CA GLY A 967 -28.10 -31.77 -14.61
C GLY A 967 -28.62 -32.97 -13.85
N ALA A 968 -27.74 -33.87 -13.42
CA ALA A 968 -28.18 -35.05 -12.67
C ALA A 968 -28.70 -34.66 -11.30
N GLN A 969 -29.83 -35.23 -10.91
CA GLN A 969 -30.30 -35.06 -9.54
C GLN A 969 -29.45 -35.90 -8.61
N GLU A 970 -29.55 -35.60 -7.31
CA GLU A 970 -28.68 -36.19 -6.30
C GLU A 970 -27.22 -35.94 -6.66
N CYS A 971 -26.88 -34.65 -6.76
CA CYS A 971 -25.62 -34.23 -7.36
C CYS A 971 -24.42 -34.61 -6.50
N THR A 972 -24.60 -34.75 -5.19
CA THR A 972 -23.46 -35.01 -4.31
C THR A 972 -22.89 -36.41 -4.52
N LYS A 973 -23.70 -37.35 -5.00
CA LYS A 973 -23.28 -38.73 -5.17
C LYS A 973 -22.83 -39.05 -6.58
N THR A 974 -22.76 -38.06 -7.47
CA THR A 974 -22.38 -38.30 -8.85
C THR A 974 -20.86 -38.43 -8.98
N ARG A 975 -20.43 -38.95 -10.14
CA ARG A 975 -19.00 -39.09 -10.40
C ARG A 975 -18.33 -37.75 -10.59
N GLU A 976 -19.05 -36.75 -11.11
CA GLU A 976 -18.44 -35.45 -11.36
C GLU A 976 -18.18 -34.69 -10.06
N PHE A 977 -19.09 -34.81 -9.09
CA PHE A 977 -18.90 -34.09 -7.83
C PHE A 977 -17.76 -34.68 -7.01
N GLU A 978 -17.58 -36.01 -7.06
CA GLU A 978 -16.46 -36.62 -6.37
C GLU A 978 -15.13 -36.16 -6.95
N ARG A 979 -15.06 -36.04 -8.28
CA ARG A 979 -13.85 -35.50 -8.91
C ARG A 979 -13.67 -34.03 -8.57
N PHE A 980 -14.77 -33.30 -8.37
CA PHE A 980 -14.68 -31.90 -7.95
C PHE A 980 -14.09 -31.79 -6.55
N GLN A 981 -14.41 -32.74 -5.67
CA GLN A 981 -13.85 -32.71 -4.32
C GLN A 981 -12.35 -32.95 -4.34
N GLU A 982 -11.88 -33.82 -5.23
CA GLU A 982 -10.44 -34.06 -5.33
C GLU A 982 -9.69 -32.79 -5.71
N MET A 983 -10.30 -31.96 -6.56
CA MET A 983 -9.67 -30.69 -6.93
C MET A 983 -9.57 -29.76 -5.73
N CYS A 984 -10.59 -29.73 -4.88
CA CYS A 984 -10.56 -28.88 -3.70
C CYS A 984 -9.55 -29.36 -2.68
N TYR A 985 -9.49 -30.68 -2.46
CA TYR A 985 -8.53 -31.23 -1.49
C TYR A 985 -7.10 -31.02 -1.98
N LYS A 986 -6.85 -31.25 -3.27
CA LYS A 986 -5.51 -31.04 -3.82
C LYS A 986 -5.12 -29.58 -3.76
N ALA A 987 -6.05 -28.66 -4.08
CA ALA A 987 -5.73 -27.24 -4.06
C ALA A 987 -5.50 -26.75 -2.63
N TYR A 988 -6.35 -27.17 -1.70
CA TYR A 988 -6.23 -26.71 -0.31
C TYR A 988 -4.92 -27.17 0.31
N LEU A 989 -4.55 -28.43 0.08
CA LEU A 989 -3.28 -28.92 0.61
C LEU A 989 -2.09 -28.27 -0.11
N ALA A 990 -2.22 -27.97 -1.39
CA ALA A 990 -1.13 -27.32 -2.12
C ALA A 990 -0.84 -25.94 -1.55
N ILE A 991 -1.88 -25.16 -1.26
CA ILE A 991 -1.69 -23.86 -0.66
C ILE A 991 -1.15 -23.98 0.76
N ARG A 992 -1.58 -25.02 1.48
CA ARG A 992 -1.06 -25.24 2.83
C ARG A 992 0.43 -25.56 2.82
N GLN A 993 0.90 -26.25 1.78
CA GLN A 993 2.32 -26.54 1.67
C GLN A 993 3.14 -25.27 1.44
N HIS A 994 2.54 -24.27 0.80
CA HIS A 994 3.19 -22.97 0.59
C HIS A 994 2.69 -21.92 1.57
N ALA A 995 2.40 -22.33 2.81
CA ALA A 995 1.83 -21.41 3.78
C ALA A 995 2.80 -20.29 4.15
N ASN A 996 4.11 -20.59 4.18
CA ASN A 996 5.09 -19.57 4.55
C ASN A 996 5.10 -18.42 3.56
N LEU A 997 4.84 -18.70 2.28
CA LEU A 997 4.81 -17.64 1.28
C LEU A 997 3.70 -16.64 1.57
N PHE A 998 2.48 -17.14 1.80
CA PHE A 998 1.35 -16.23 2.00
C PHE A 998 1.40 -15.53 3.36
N ILE A 999 1.92 -16.21 4.38
CA ILE A 999 2.07 -15.55 5.68
C ILE A 999 3.10 -14.43 5.59
N ASN A 1000 4.17 -14.64 4.81
CA ASN A 1000 5.15 -13.58 4.61
C ASN A 1000 4.57 -12.43 3.80
N LEU A 1001 3.78 -12.75 2.78
CA LEU A 1001 3.17 -11.69 1.97
C LEU A 1001 2.23 -10.83 2.79
N PHE A 1002 1.43 -11.45 3.67
CA PHE A 1002 0.56 -10.69 4.55
C PHE A 1002 1.37 -9.92 5.59
N SER A 1003 2.45 -10.51 6.10
CA SER A 1003 3.26 -9.84 7.10
C SER A 1003 3.95 -8.60 6.54
N MET A 1004 4.32 -8.63 5.26
CA MET A 1004 4.97 -7.48 4.64
C MET A 1004 4.02 -6.33 4.40
N MET A 1005 2.72 -6.49 4.69
CA MET A 1005 1.72 -5.45 4.47
C MET A 1005 1.19 -4.86 5.77
N LEU A 1006 1.78 -5.21 6.92
CA LEU A 1006 1.24 -4.77 8.20
C LEU A 1006 1.35 -3.27 8.41
N GLY A 1007 2.21 -2.59 7.66
CA GLY A 1007 2.37 -1.16 7.77
C GLY A 1007 1.69 -0.36 6.68
N SER A 1008 1.01 -1.02 5.74
CA SER A 1008 0.38 -0.30 4.63
C SER A 1008 -0.82 0.53 5.08
N GLY A 1009 -1.35 0.29 6.27
CA GLY A 1009 -2.50 1.03 6.75
C GLY A 1009 -3.84 0.43 6.39
N MET A 1010 -3.86 -0.75 5.79
CA MET A 1010 -5.13 -1.40 5.48
C MET A 1010 -5.81 -1.80 6.78
N PRO A 1011 -7.12 -1.55 6.92
CA PRO A 1011 -7.75 -1.69 8.25
C PRO A 1011 -7.82 -3.12 8.75
N GLU A 1012 -7.89 -4.10 7.84
CA GLU A 1012 -8.01 -5.50 8.22
C GLU A 1012 -6.68 -6.23 8.18
N LEU A 1013 -5.57 -5.50 8.31
CA LEU A 1013 -4.25 -6.08 8.34
C LEU A 1013 -3.31 -5.16 9.14
N GLN A 1014 -3.55 -5.07 10.45
CA GLN A 1014 -2.79 -4.17 11.32
C GLN A 1014 -1.75 -4.89 12.16
N SER A 1015 -2.03 -6.11 12.61
CA SER A 1015 -1.14 -6.84 13.50
C SER A 1015 -1.01 -8.27 13.01
N PHE A 1016 -0.12 -9.02 13.68
CA PHE A 1016 0.04 -10.43 13.36
C PHE A 1016 -1.16 -11.27 13.81
N ASP A 1017 -1.97 -10.75 14.72
CA ASP A 1017 -3.18 -11.46 15.11
C ASP A 1017 -4.20 -11.49 13.97
N ASP A 1018 -4.13 -10.51 13.07
CA ASP A 1018 -5.00 -10.55 11.89
C ASP A 1018 -4.54 -11.60 10.89
N ILE A 1019 -3.24 -11.91 10.87
CA ILE A 1019 -2.73 -12.95 10.00
C ILE A 1019 -3.00 -14.34 10.57
N ALA A 1020 -3.27 -14.44 11.88
CA ALA A 1020 -3.57 -15.71 12.51
C ALA A 1020 -4.82 -16.37 11.94
N TYR A 1021 -5.63 -15.65 11.16
CA TYR A 1021 -6.83 -16.25 10.60
C TYR A 1021 -6.49 -17.31 9.54
N ILE A 1022 -5.51 -17.03 8.68
CA ILE A 1022 -5.14 -18.02 7.69
C ILE A 1022 -4.38 -19.17 8.33
N ARG A 1023 -3.83 -18.97 9.53
CA ARG A 1023 -3.30 -20.10 10.29
C ARG A 1023 -4.40 -21.03 10.76
N LYS A 1024 -5.61 -20.48 10.97
CA LYS A 1024 -6.75 -21.31 11.34
C LYS A 1024 -7.33 -22.03 10.12
N THR A 1025 -7.57 -21.29 9.03
CA THR A 1025 -8.17 -21.90 7.86
C THR A 1025 -7.24 -22.93 7.22
N LEU A 1026 -5.93 -22.66 7.21
CA LEU A 1026 -4.97 -23.64 6.72
C LEU A 1026 -4.61 -24.69 7.75
N ALA A 1027 -5.03 -24.53 9.00
CA ALA A 1027 -4.84 -25.52 10.07
C ALA A 1027 -3.35 -25.90 10.18
N LEU A 1028 -2.52 -24.88 10.38
CA LEU A 1028 -1.08 -25.10 10.37
C LEU A 1028 -0.59 -25.77 11.65
N ASP A 1029 -1.30 -25.58 12.76
CA ASP A 1029 -0.92 -26.20 14.03
C ASP A 1029 -1.38 -27.64 14.15
N LYS A 1030 -1.82 -28.26 13.05
CA LYS A 1030 -2.23 -29.65 13.03
C LYS A 1030 -1.38 -30.41 12.01
N THR A 1031 -1.69 -31.69 11.84
CA THR A 1031 -1.03 -32.47 10.81
C THR A 1031 -1.70 -32.23 9.46
N GLU A 1032 -1.01 -32.61 8.38
CA GLU A 1032 -1.57 -32.44 7.06
C GLU A 1032 -2.83 -33.28 6.87
N GLN A 1033 -2.88 -34.45 7.50
CA GLN A 1033 -4.06 -35.29 7.42
C GLN A 1033 -5.20 -34.72 8.26
N GLU A 1034 -4.86 -34.14 9.42
CA GLU A 1034 -5.89 -33.50 10.24
C GLU A 1034 -6.43 -32.24 9.57
N ALA A 1035 -5.59 -31.52 8.83
CA ALA A 1035 -6.04 -30.30 8.17
C ALA A 1035 -7.06 -30.60 7.08
N LEU A 1036 -6.90 -31.74 6.39
CA LEU A 1036 -7.88 -32.12 5.38
C LEU A 1036 -9.21 -32.50 6.02
N GLU A 1037 -9.18 -33.11 7.20
CA GLU A 1037 -10.41 -33.38 7.92
C GLU A 1037 -11.09 -32.10 8.38
N TYR A 1038 -10.30 -31.09 8.75
CA TYR A 1038 -10.86 -29.81 9.15
C TYR A 1038 -11.56 -29.13 7.98
N PHE A 1039 -10.88 -29.04 6.83
CA PHE A 1039 -11.50 -28.47 5.64
C PHE A 1039 -12.74 -29.27 5.22
N MET A 1040 -12.71 -30.59 5.41
CA MET A 1040 -13.86 -31.40 5.06
C MET A 1040 -15.05 -31.13 5.97
N LYS A 1041 -14.80 -30.85 7.25
CA LYS A 1041 -15.89 -30.54 8.17
C LYS A 1041 -16.47 -29.16 7.90
N GLN A 1042 -15.62 -28.20 7.51
CA GLN A 1042 -16.11 -26.86 7.20
C GLN A 1042 -17.05 -26.89 6.00
N MET A 1043 -16.71 -27.68 4.98
CA MET A 1043 -17.58 -27.80 3.82
C MET A 1043 -18.89 -28.49 4.19
N ASN A 1044 -18.84 -29.47 5.09
CA ASN A 1044 -20.06 -30.17 5.49
C ASN A 1044 -20.96 -29.28 6.33
N ASP A 1045 -20.38 -28.41 7.17
CA ASP A 1045 -21.21 -27.54 8.01
C ASP A 1045 -21.91 -26.47 7.18
N ALA A 1046 -21.30 -26.02 6.08
CA ALA A 1046 -21.88 -24.97 5.26
C ALA A 1046 -22.83 -25.52 4.21
N HIS A 1047 -22.53 -26.68 3.63
CA HIS A 1047 -23.39 -27.31 2.64
C HIS A 1047 -24.36 -28.31 3.27
N HIS A 1048 -24.35 -28.44 4.59
CA HIS A 1048 -25.24 -29.29 5.36
C HIS A 1048 -25.10 -30.77 5.04
N GLY A 1049 -24.03 -31.17 4.36
CA GLY A 1049 -23.79 -32.57 4.06
C GLY A 1049 -23.47 -32.84 2.61
N GLY A 1050 -22.79 -33.96 2.34
CA GLY A 1050 -22.47 -34.37 0.99
C GLY A 1050 -20.99 -34.43 0.68
N TRP A 1051 -20.13 -33.91 1.56
CA TRP A 1051 -18.69 -33.89 1.33
C TRP A 1051 -18.04 -35.09 2.02
N THR A 1052 -17.43 -35.96 1.22
CA THR A 1052 -16.75 -37.14 1.74
C THR A 1052 -15.24 -37.01 1.57
N GLN B 35 -7.69 -28.76 37.06
CA GLN B 35 -8.82 -28.16 36.34
C GLN B 35 -9.44 -27.02 37.13
N ASP B 36 -9.39 -27.11 38.45
CA ASP B 36 -9.88 -26.06 39.33
C ASP B 36 -8.83 -25.01 39.65
N ALA B 37 -7.65 -25.10 39.02
CA ALA B 37 -6.60 -24.12 39.27
C ALA B 37 -6.95 -22.78 38.63
N GLU B 38 -6.58 -21.70 39.32
CA GLU B 38 -6.89 -20.36 38.83
C GLU B 38 -6.14 -20.05 37.54
N TRP B 39 -4.90 -20.54 37.43
CA TRP B 39 -4.06 -20.21 36.28
C TRP B 39 -4.34 -21.08 35.06
N TYR B 40 -5.06 -22.19 35.21
CA TYR B 40 -5.37 -23.07 34.09
C TYR B 40 -6.61 -22.55 33.37
N TRP B 41 -6.48 -22.29 32.07
CA TRP B 41 -7.59 -21.81 31.26
C TRP B 41 -8.06 -22.82 30.23
N GLY B 42 -7.35 -23.94 30.05
CA GLY B 42 -7.74 -24.95 29.10
C GLY B 42 -7.55 -24.57 27.64
N ASP B 43 -8.61 -24.79 26.84
CA ASP B 43 -8.53 -24.60 25.40
C ASP B 43 -8.74 -23.13 25.08
N ILE B 44 -7.63 -22.39 25.01
CA ILE B 44 -7.62 -20.99 24.57
C ILE B 44 -6.48 -20.80 23.60
N SER B 45 -6.65 -19.88 22.66
CA SER B 45 -5.64 -19.64 21.64
C SER B 45 -4.51 -18.77 22.19
N ARG B 46 -3.41 -18.72 21.43
CA ARG B 46 -2.26 -17.93 21.86
C ARG B 46 -2.55 -16.44 21.82
N GLU B 47 -3.44 -16.00 20.91
CA GLU B 47 -3.76 -14.58 20.82
C GLU B 47 -4.60 -14.12 22.02
N GLU B 48 -5.43 -15.00 22.57
CA GLU B 48 -6.19 -14.64 23.77
C GLU B 48 -5.27 -14.43 24.96
N VAL B 49 -4.12 -15.11 25.00
CA VAL B 49 -3.18 -14.92 26.10
C VAL B 49 -2.43 -13.60 25.93
N ASN B 50 -2.22 -13.15 24.69
CA ASN B 50 -1.55 -11.88 24.48
C ASN B 50 -2.39 -10.71 25.00
N GLU B 51 -3.71 -10.76 24.79
CA GLU B 51 -4.58 -9.71 25.30
C GLU B 51 -4.65 -9.74 26.82
N LYS B 52 -4.64 -10.94 27.40
CA LYS B 52 -4.72 -11.05 28.86
C LYS B 52 -3.42 -10.61 29.52
N LEU B 53 -2.28 -10.91 28.91
CA LEU B 53 -0.98 -10.50 29.43
C LEU B 53 -0.51 -9.18 28.85
N ARG B 54 -1.41 -8.41 28.24
CA ARG B 54 -1.02 -7.14 27.64
C ARG B 54 -0.75 -6.12 28.73
N ASP B 55 0.45 -5.53 28.70
CA ASP B 55 0.87 -4.51 29.65
C ASP B 55 0.81 -5.02 31.09
N THR B 56 1.36 -6.21 31.31
CA THR B 56 1.43 -6.81 32.63
C THR B 56 2.87 -6.80 33.12
N ALA B 57 3.03 -7.02 34.42
CA ALA B 57 4.33 -6.96 35.07
C ALA B 57 5.04 -8.31 34.99
N ASP B 58 6.34 -8.29 35.26
CA ASP B 58 7.14 -9.51 35.25
C ASP B 58 6.66 -10.47 36.33
N GLY B 59 6.30 -11.68 35.93
CA GLY B 59 5.77 -12.68 36.84
C GLY B 59 4.35 -13.12 36.54
N THR B 60 3.62 -12.37 35.71
CA THR B 60 2.25 -12.76 35.37
C THR B 60 2.28 -13.98 34.46
N PHE B 61 1.56 -15.04 34.84
CA PHE B 61 1.62 -16.30 34.13
C PHE B 61 0.25 -16.94 34.07
N LEU B 62 0.10 -17.88 33.13
CA LEU B 62 -1.08 -18.71 33.01
C LEU B 62 -0.74 -19.93 32.18
N VAL B 63 -1.39 -21.05 32.49
CA VAL B 63 -1.16 -22.31 31.81
C VAL B 63 -2.38 -22.65 30.97
N ARG B 64 -2.15 -23.18 29.77
CA ARG B 64 -3.21 -23.54 28.85
C ARG B 64 -2.84 -24.83 28.13
N ASP B 65 -3.83 -25.42 27.47
CA ASP B 65 -3.58 -26.57 26.62
C ASP B 65 -2.75 -26.14 25.42
N ALA B 66 -1.69 -26.90 25.14
CA ALA B 66 -0.83 -26.57 24.01
C ALA B 66 -1.60 -26.67 22.69
N SER B 67 -1.36 -25.71 21.80
CA SER B 67 -2.04 -25.66 20.51
C SER B 67 -1.38 -26.68 19.58
N THR B 68 -1.79 -27.93 19.74
CA THR B 68 -1.25 -29.03 18.94
C THR B 68 -2.33 -30.10 18.72
N GLY B 72 3.66 -32.47 24.02
CA GLY B 72 3.30 -31.12 24.42
C GLY B 72 2.26 -31.08 25.53
N ASP B 73 0.99 -31.03 25.12
CA ASP B 73 -0.18 -31.08 26.00
C ASP B 73 -0.41 -29.78 26.75
N TYR B 74 0.64 -29.19 27.32
CA TYR B 74 0.51 -27.99 28.13
C TYR B 74 1.60 -26.98 27.78
N THR B 75 1.25 -25.70 27.90
CA THR B 75 2.17 -24.61 27.61
C THR B 75 1.96 -23.50 28.62
N LEU B 76 3.05 -23.07 29.26
CA LEU B 76 3.02 -21.98 30.23
C LEU B 76 3.49 -20.69 29.57
N THR B 77 2.73 -19.62 29.74
CA THR B 77 3.06 -18.31 29.19
C THR B 77 3.39 -17.38 30.34
N LEU B 78 4.61 -16.85 30.35
CA LEU B 78 5.12 -16.04 31.44
C LEU B 78 5.57 -14.68 30.93
N ARG B 79 5.04 -13.61 31.54
CA ARG B 79 5.44 -12.25 31.19
C ARG B 79 6.78 -11.93 31.83
N LYS B 80 7.75 -11.50 31.00
CA LYS B 80 9.07 -11.14 31.49
C LYS B 80 9.75 -10.24 30.47
N GLY B 81 10.21 -9.07 30.92
CA GLY B 81 10.93 -8.17 30.05
C GLY B 81 10.14 -7.64 28.89
N GLY B 82 8.83 -7.46 29.06
CA GLY B 82 7.99 -6.97 27.99
C GLY B 82 7.63 -8.00 26.94
N ASN B 83 8.01 -9.26 27.13
CA ASN B 83 7.72 -10.33 26.19
C ASN B 83 6.96 -11.44 26.90
N ASN B 84 6.01 -12.05 26.19
CA ASN B 84 5.24 -13.19 26.71
C ASN B 84 6.00 -14.46 26.37
N LYS B 85 6.87 -14.88 27.28
CA LYS B 85 7.66 -16.08 27.08
C LYS B 85 6.76 -17.32 27.03
N LEU B 86 7.07 -18.23 26.13
CA LEU B 86 6.38 -19.51 26.03
C LEU B 86 7.29 -20.61 26.54
N ILE B 87 6.77 -21.47 27.41
CA ILE B 87 7.54 -22.53 28.04
C ILE B 87 6.73 -23.82 27.93
N LYS B 88 7.26 -24.78 27.17
CA LYS B 88 6.58 -26.06 27.01
C LYS B 88 6.64 -26.86 28.31
N ILE B 89 5.60 -27.66 28.54
CA ILE B 89 5.47 -28.47 29.75
C ILE B 89 5.47 -29.93 29.33
N PHE B 90 6.52 -30.65 29.69
CA PHE B 90 6.64 -32.07 29.36
C PHE B 90 6.12 -32.94 30.49
N PHE B 98 9.97 -29.99 32.82
CA PHE B 98 9.80 -29.64 31.41
C PHE B 98 11.13 -29.68 30.67
N SER B 99 12.23 -29.71 31.43
CA SER B 99 13.56 -29.81 30.88
C SER B 99 14.25 -31.01 31.52
N ASP B 100 14.94 -31.83 30.69
CA ASP B 100 15.65 -33.01 31.15
C ASP B 100 14.63 -34.02 31.68
N PRO B 101 15.01 -35.10 32.38
CA PRO B 101 13.99 -35.98 32.95
C PRO B 101 13.03 -35.22 33.87
N LEU B 102 11.77 -35.64 33.84
CA LEU B 102 10.73 -34.96 34.60
C LEU B 102 11.02 -35.03 36.09
N THR B 103 10.79 -33.91 36.78
CA THR B 103 11.05 -33.79 38.22
C THR B 103 9.77 -33.55 39.02
N PHE B 104 8.61 -33.50 38.36
CA PHE B 104 7.35 -33.19 39.04
C PHE B 104 6.27 -34.15 38.56
N SER B 105 5.41 -34.57 39.49
CA SER B 105 4.41 -35.59 39.18
C SER B 105 3.21 -34.99 38.45
N SER B 106 2.80 -33.77 38.82
CA SER B 106 1.62 -33.15 38.24
C SER B 106 1.94 -31.70 37.85
N VAL B 107 1.04 -31.13 37.05
CA VAL B 107 1.20 -29.74 36.62
C VAL B 107 0.95 -28.79 37.78
N VAL B 108 -0.03 -29.11 38.63
CA VAL B 108 -0.29 -28.28 39.81
C VAL B 108 0.93 -28.25 40.72
N GLU B 109 1.68 -29.35 40.79
CA GLU B 109 2.92 -29.35 41.55
C GLU B 109 3.98 -28.47 40.89
N LEU B 110 4.02 -28.45 39.56
CA LEU B 110 5.03 -27.67 38.85
C LEU B 110 4.81 -26.18 39.04
N ILE B 111 3.55 -25.73 39.04
CA ILE B 111 3.27 -24.31 39.17
C ILE B 111 3.59 -23.82 40.58
N ASN B 112 2.96 -24.45 41.58
CA ASN B 112 3.10 -23.97 42.96
C ASN B 112 4.54 -24.04 43.44
N HIS B 113 5.28 -25.08 43.02
CA HIS B 113 6.70 -25.14 43.36
C HIS B 113 7.45 -23.92 42.83
N TYR B 114 7.21 -23.58 41.57
CA TYR B 114 8.05 -22.58 40.91
C TYR B 114 7.68 -21.16 41.34
N ARG B 115 6.45 -20.94 41.79
CA ARG B 115 6.05 -19.62 42.27
C ARG B 115 6.95 -19.16 43.40
N ASN B 116 7.13 -20.00 44.41
CA ASN B 116 8.01 -19.66 45.51
C ASN B 116 9.47 -19.81 45.13
N GLU B 117 9.79 -20.78 44.26
CA GLU B 117 11.18 -21.18 44.07
C GLU B 117 11.93 -20.25 43.13
N SER B 118 11.23 -19.62 42.18
CA SER B 118 11.79 -18.86 41.06
C SER B 118 12.28 -19.81 39.97
N LEU B 119 12.38 -19.30 38.74
CA LEU B 119 12.71 -20.10 37.57
C LEU B 119 14.20 -20.08 37.23
N ALA B 120 15.05 -19.66 38.18
CA ALA B 120 16.48 -19.56 37.90
C ALA B 120 17.10 -20.92 37.61
N GLN B 121 16.54 -21.99 38.19
CA GLN B 121 17.06 -23.33 37.96
C GLN B 121 17.11 -23.65 36.47
N TYR B 122 16.05 -23.31 35.73
CA TYR B 122 16.05 -23.51 34.30
C TYR B 122 17.05 -22.59 33.61
N ASN B 123 17.04 -21.31 33.95
CA ASN B 123 17.98 -20.34 33.40
C ASN B 123 18.07 -19.09 34.26
N VAL B 128 13.13 -14.74 37.33
CA VAL B 128 11.90 -14.27 37.95
C VAL B 128 11.11 -15.45 38.47
N LYS B 129 10.09 -15.19 39.28
CA LYS B 129 9.20 -16.21 39.81
C LYS B 129 7.80 -16.03 39.24
N LEU B 130 6.97 -17.06 39.42
CA LEU B 130 5.58 -17.02 38.98
C LEU B 130 4.75 -16.26 40.03
N LEU B 131 4.91 -14.94 40.00
CA LEU B 131 4.40 -14.10 41.07
C LEU B 131 2.89 -13.93 40.99
N TYR B 132 2.37 -13.66 39.81
CA TYR B 132 0.98 -13.24 39.66
C TYR B 132 0.21 -14.22 38.79
N PRO B 133 -0.82 -14.90 39.31
CA PRO B 133 -1.67 -15.73 38.47
C PRO B 133 -2.78 -14.92 37.81
N VAL B 134 -3.27 -15.46 36.69
CA VAL B 134 -4.43 -14.88 36.01
C VAL B 134 -5.65 -15.74 36.33
N SER B 135 -6.38 -15.38 37.38
CA SER B 135 -7.48 -16.21 37.85
C SER B 135 -8.60 -16.30 36.82
N LYS B 136 -9.08 -17.52 36.58
CA LYS B 136 -10.21 -17.70 35.68
C LYS B 136 -11.50 -17.19 36.30
N TYR B 137 -11.59 -17.20 37.62
CA TYR B 137 -12.77 -16.72 38.32
C TYR B 137 -12.79 -15.21 38.50
N GLN B 138 -11.70 -14.52 38.12
CA GLN B 138 -11.69 -13.07 38.20
C GLN B 138 -12.73 -12.46 37.27
N GLN B 139 -12.92 -13.05 36.09
CA GLN B 139 -13.94 -12.63 35.15
C GLN B 139 -15.25 -13.40 35.31
N ASP B 140 -15.35 -14.27 36.32
CA ASP B 140 -16.63 -14.91 36.62
C ASP B 140 -17.64 -13.86 37.08
N GLN B 141 -17.18 -12.86 37.82
CA GLN B 141 -18.01 -11.70 38.09
C GLN B 141 -18.26 -10.90 36.80
N VAL B 142 -19.07 -9.85 36.92
CA VAL B 142 -19.51 -9.02 35.81
C VAL B 142 -20.47 -9.82 34.92
N VAL B 143 -20.67 -11.10 35.25
CA VAL B 143 -21.72 -11.91 34.63
C VAL B 143 -22.58 -12.47 35.75
N LYS B 144 -23.44 -11.64 36.32
CA LYS B 144 -24.13 -11.97 37.56
C LYS B 144 -25.58 -12.39 37.37
N GLU B 145 -26.08 -12.41 36.13
CA GLU B 145 -27.51 -12.69 35.93
C GLU B 145 -27.86 -14.12 36.34
N ASP B 146 -26.92 -15.06 36.19
CA ASP B 146 -26.93 -16.37 36.83
C ASP B 146 -28.01 -17.33 36.32
N ASN B 147 -28.71 -17.01 35.24
CA ASN B 147 -29.58 -18.00 34.62
C ASN B 147 -29.59 -17.77 33.11
N ILE B 148 -29.99 -18.82 32.38
CA ILE B 148 -29.75 -18.88 30.94
C ILE B 148 -30.55 -17.81 30.20
N GLU B 149 -31.70 -17.40 30.74
CA GLU B 149 -32.52 -16.42 30.04
C GLU B 149 -32.16 -14.99 30.41
N ALA B 150 -31.79 -14.75 31.68
CA ALA B 150 -31.36 -13.42 32.09
C ALA B 150 -30.12 -12.99 31.32
N VAL B 151 -29.07 -13.82 31.36
CA VAL B 151 -28.01 -13.69 30.38
C VAL B 151 -28.63 -13.98 29.01
N GLY B 152 -28.12 -13.33 27.98
CA GLY B 152 -28.75 -13.43 26.67
C GLY B 152 -29.76 -12.33 26.45
N LYS B 153 -30.62 -12.08 27.43
CA LYS B 153 -31.38 -10.84 27.44
C LYS B 153 -30.47 -9.67 27.78
N LYS B 154 -29.57 -9.85 28.76
CA LYS B 154 -28.54 -8.85 29.02
C LYS B 154 -27.52 -8.81 27.90
N LEU B 155 -27.25 -9.96 27.27
CA LEU B 155 -26.38 -9.97 26.10
C LEU B 155 -27.01 -9.22 24.94
N HIS B 156 -28.34 -9.31 24.80
CA HIS B 156 -29.01 -8.57 23.74
C HIS B 156 -28.97 -7.07 24.00
N GLU B 157 -29.05 -6.67 25.27
CA GLU B 157 -28.91 -5.25 25.61
C GLU B 157 -27.49 -4.77 25.30
N TYR B 158 -26.48 -5.50 25.78
CA TYR B 158 -25.10 -5.09 25.58
C TYR B 158 -24.72 -5.10 24.10
N ASN B 159 -25.14 -6.12 23.35
CA ASN B 159 -24.82 -6.18 21.94
C ASN B 159 -25.51 -5.07 21.16
N THR B 160 -26.74 -4.74 21.54
CA THR B 160 -27.43 -3.62 20.90
C THR B 160 -26.72 -2.30 21.20
N GLN B 161 -26.45 -2.03 22.47
CA GLN B 161 -25.73 -0.82 22.84
C GLN B 161 -24.36 -0.76 22.17
N PHE B 162 -23.74 -1.92 21.93
CA PHE B 162 -22.43 -1.93 21.28
C PHE B 162 -22.54 -1.57 19.81
N GLN B 163 -23.61 -2.01 19.13
CA GLN B 163 -23.78 -1.65 17.73
C GLN B 163 -24.16 -0.18 17.57
N GLU B 164 -24.88 0.39 18.55
CA GLU B 164 -25.14 1.82 18.54
C GLU B 164 -23.85 2.61 18.66
N LYS B 165 -23.03 2.28 19.66
CA LYS B 165 -21.77 2.98 19.85
C LYS B 165 -20.80 2.73 18.71
N SER B 166 -20.87 1.56 18.07
CA SER B 166 -19.97 1.26 16.97
C SER B 166 -20.28 2.11 15.75
N ARG B 167 -21.57 2.28 15.45
CA ARG B 167 -21.96 3.18 14.35
C ARG B 167 -21.68 4.63 14.70
N GLU B 168 -21.80 5.00 15.98
CA GLU B 168 -21.47 6.36 16.39
C GLU B 168 -19.97 6.62 16.25
N TYR B 169 -19.14 5.63 16.55
CA TYR B 169 -17.69 5.80 16.42
C TYR B 169 -17.27 5.86 14.96
N ASP B 170 -17.89 5.04 14.11
CA ASP B 170 -17.53 5.02 12.69
C ASP B 170 -17.85 6.35 12.03
N ARG B 171 -19.08 6.86 12.23
CA ARG B 171 -19.45 8.13 11.63
C ARG B 171 -18.61 9.28 12.19
N LEU B 172 -18.24 9.21 13.47
CA LEU B 172 -17.34 10.21 14.03
C LEU B 172 -15.96 10.14 13.39
N TYR B 173 -15.50 8.94 13.03
CA TYR B 173 -14.20 8.80 12.37
C TYR B 173 -14.25 9.33 10.95
N GLU B 174 -15.41 9.32 10.30
CA GLU B 174 -15.53 9.87 8.96
C GLU B 174 -15.53 11.39 9.00
N GLU B 175 -16.16 11.99 10.02
CA GLU B 175 -16.00 13.42 10.23
C GLU B 175 -14.57 13.76 10.62
N TYR B 176 -13.91 12.87 11.35
CA TYR B 176 -12.53 13.10 11.78
C TYR B 176 -11.60 13.15 10.57
N THR B 177 -11.76 12.19 9.64
CA THR B 177 -10.90 12.16 8.46
C THR B 177 -11.24 13.30 7.50
N ARG B 178 -12.53 13.55 7.26
CA ARG B 178 -12.92 14.61 6.35
C ARG B 178 -12.44 15.97 6.84
N THR B 179 -12.47 16.19 8.16
CA THR B 179 -11.99 17.46 8.71
C THR B 179 -10.48 17.57 8.58
N SER B 180 -9.76 16.46 8.79
CA SER B 180 -8.30 16.47 8.64
C SER B 180 -7.91 16.79 7.20
N GLN B 181 -8.66 16.26 6.23
CA GLN B 181 -8.34 16.51 4.83
C GLN B 181 -8.66 17.94 4.44
N GLU B 182 -9.83 18.46 4.85
CA GLU B 182 -10.20 19.82 4.49
C GLU B 182 -9.31 20.86 5.17
N ILE B 183 -8.75 20.52 6.34
CA ILE B 183 -7.80 21.42 6.98
C ILE B 183 -6.50 21.47 6.18
N GLN B 184 -6.05 20.30 5.68
CA GLN B 184 -4.86 20.28 4.83
C GLN B 184 -5.08 21.04 3.54
N MET B 185 -6.30 21.00 3.00
CA MET B 185 -6.59 21.73 1.77
C MET B 185 -6.57 23.24 2.02
N LYS B 186 -7.10 23.68 3.16
CA LYS B 186 -7.12 25.11 3.46
C LYS B 186 -5.72 25.65 3.72
N ARG B 187 -4.83 24.84 4.33
CA ARG B 187 -3.46 25.29 4.55
C ARG B 187 -2.72 25.46 3.22
N THR B 188 -2.96 24.57 2.27
CA THR B 188 -2.34 24.71 0.95
C THR B 188 -2.86 25.96 0.24
N ALA B 189 -4.16 26.21 0.34
CA ALA B 189 -4.73 27.39 -0.32
C ALA B 189 -4.26 28.69 0.34
N ILE B 190 -3.99 28.65 1.65
CA ILE B 190 -3.42 29.83 2.30
C ILE B 190 -1.98 30.03 1.84
N GLU B 191 -1.25 28.93 1.62
CA GLU B 191 0.10 29.04 1.05
C GLU B 191 0.04 29.67 -0.34
N ALA B 192 -0.97 29.32 -1.13
CA ALA B 192 -1.10 29.92 -2.45
C ALA B 192 -1.57 31.36 -2.38
N PHE B 193 -2.38 31.70 -1.38
CA PHE B 193 -2.79 33.09 -1.19
C PHE B 193 -1.61 33.95 -0.78
N ASN B 194 -0.70 33.40 0.03
CA ASN B 194 0.51 34.14 0.41
C ASN B 194 1.34 34.48 -0.82
N GLU B 195 1.57 33.48 -1.69
CA GLU B 195 2.42 33.70 -2.86
C GLU B 195 1.73 34.63 -3.86
N THR B 196 0.41 34.53 -4.00
CA THR B 196 -0.31 35.39 -4.92
C THR B 196 -0.23 36.85 -4.47
N ILE B 197 -0.40 37.10 -3.18
CA ILE B 197 -0.35 38.46 -2.67
C ILE B 197 1.06 39.04 -2.82
N LYS B 198 2.09 38.21 -2.66
CA LYS B 198 3.45 38.68 -2.89
C LYS B 198 3.64 39.14 -4.32
N ILE B 199 3.07 38.42 -5.29
CA ILE B 199 3.22 38.77 -6.70
C ILE B 199 2.51 40.08 -7.01
N PHE B 200 1.27 40.22 -6.53
CA PHE B 200 0.53 41.45 -6.79
C PHE B 200 1.14 42.65 -6.07
N GLU B 201 1.76 42.44 -4.91
CA GLU B 201 2.48 43.52 -4.26
C GLU B 201 3.73 43.89 -5.05
N GLU B 202 4.39 42.91 -5.66
CA GLU B 202 5.50 43.20 -6.56
C GLU B 202 5.05 44.02 -7.75
N GLN B 203 3.80 43.86 -8.18
CA GLN B 203 3.27 44.67 -9.27
C GLN B 203 3.11 46.12 -8.85
N CYS B 204 2.71 46.35 -7.59
CA CYS B 204 2.65 47.72 -7.09
C CYS B 204 4.03 48.35 -7.04
N GLN B 205 5.03 47.59 -6.54
CA GLN B 205 6.40 48.10 -6.50
C GLN B 205 6.90 48.41 -7.90
N THR B 206 6.65 47.51 -8.85
CA THR B 206 7.13 47.71 -10.22
C THR B 206 6.44 48.90 -10.88
N GLN B 207 5.13 49.06 -10.65
CA GLN B 207 4.44 50.22 -11.20
C GLN B 207 4.94 51.51 -10.57
N GLU B 208 5.16 51.51 -9.25
CA GLU B 208 5.66 52.71 -8.59
C GLU B 208 7.05 53.09 -9.07
N ARG B 209 7.92 52.09 -9.23
CA ARG B 209 9.29 52.38 -9.69
C ARG B 209 9.28 52.98 -11.09
N TYR B 210 8.61 52.33 -12.04
CA TYR B 210 8.59 52.84 -13.40
C TYR B 210 7.87 54.17 -13.50
N SER B 211 6.76 54.32 -12.78
CA SER B 211 6.01 55.58 -12.80
C SER B 211 6.78 56.63 -11.99
N LYS B 212 6.11 57.75 -11.72
CA LYS B 212 6.68 58.94 -11.09
C LYS B 212 7.67 59.64 -12.02
N GLU B 213 8.69 58.91 -12.47
CA GLU B 213 9.58 59.45 -13.50
C GLU B 213 8.82 59.77 -14.77
N TYR B 214 7.81 58.95 -15.10
CA TYR B 214 6.97 59.23 -16.26
C TYR B 214 5.86 60.23 -15.95
N ILE B 215 5.32 60.21 -14.73
CA ILE B 215 4.20 61.09 -14.43
C ILE B 215 4.66 62.53 -14.28
N GLU B 216 5.91 62.75 -13.86
CA GLU B 216 6.41 64.12 -13.78
C GLU B 216 6.70 64.68 -15.16
N LYS B 217 7.03 63.81 -16.12
CA LYS B 217 7.17 64.25 -17.50
C LYS B 217 5.82 64.55 -18.12
N PHE B 218 4.77 63.83 -17.70
CA PHE B 218 3.43 64.12 -18.17
C PHE B 218 2.85 65.38 -17.52
N LYS B 219 3.37 65.78 -16.36
CA LYS B 219 2.88 66.99 -15.70
C LYS B 219 3.41 68.25 -16.39
N ARG B 220 4.70 68.26 -16.75
CA ARG B 220 5.24 69.37 -17.53
C ARG B 220 4.69 69.38 -18.95
N GLU B 221 4.22 68.23 -19.45
CA GLU B 221 3.59 68.19 -20.76
C GLU B 221 2.14 68.69 -20.71
N GLY B 222 1.50 68.57 -19.56
CA GLY B 222 0.14 69.03 -19.39
C GLY B 222 -0.94 68.04 -19.77
N ASN B 223 -0.57 66.77 -19.97
CA ASN B 223 -1.53 65.75 -20.38
C ASN B 223 -2.13 65.13 -19.12
N GLU B 224 -3.33 65.59 -18.74
CA GLU B 224 -3.99 65.08 -17.55
C GLU B 224 -4.61 63.71 -17.79
N LYS B 225 -4.98 63.40 -19.03
CA LYS B 225 -5.58 62.09 -19.32
C LYS B 225 -4.57 60.97 -19.13
N GLU B 226 -3.30 61.22 -19.47
CA GLU B 226 -2.28 60.19 -19.26
C GLU B 226 -2.02 59.95 -17.78
N ILE B 227 -2.14 61.00 -16.96
CA ILE B 227 -2.01 60.82 -15.51
C ILE B 227 -3.21 60.04 -14.98
N GLN B 228 -4.42 60.37 -15.45
CA GLN B 228 -5.62 59.70 -14.96
C GLN B 228 -5.64 58.22 -15.34
N ARG B 229 -5.06 57.86 -16.48
CA ARG B 229 -5.05 56.46 -16.88
C ARG B 229 -4.06 55.64 -16.07
N ILE B 230 -2.96 56.26 -15.64
CA ILE B 230 -2.00 55.55 -14.78
C ILE B 230 -2.57 55.37 -13.38
N MET B 231 -3.20 56.42 -12.84
CA MET B 231 -3.79 56.32 -11.51
C MET B 231 -4.99 55.39 -11.49
N HIS B 232 -5.74 55.31 -12.60
CA HIS B 232 -6.87 54.41 -12.67
C HIS B 232 -6.42 52.96 -12.67
N ASN B 233 -5.33 52.65 -13.37
CA ASN B 233 -4.80 51.29 -13.36
C ASN B 233 -4.19 50.94 -12.02
N TYR B 234 -3.63 51.93 -11.32
CA TYR B 234 -3.07 51.69 -9.99
C TYR B 234 -4.18 51.46 -8.96
N ASP B 235 -5.29 52.18 -9.09
CA ASP B 235 -6.44 51.93 -8.23
C ASP B 235 -7.02 50.54 -8.49
N LYS B 236 -7.05 50.12 -9.75
CA LYS B 236 -7.53 48.78 -10.08
C LYS B 236 -6.63 47.70 -9.50
N LEU B 237 -5.31 47.93 -9.50
CA LEU B 237 -4.39 46.95 -8.95
C LEU B 237 -4.50 46.88 -7.43
N LYS B 238 -4.61 48.02 -6.76
CA LYS B 238 -4.69 48.03 -5.31
C LYS B 238 -6.01 47.43 -4.82
N SER B 239 -7.12 47.73 -5.51
CA SER B 239 -8.40 47.17 -5.11
C SER B 239 -8.40 45.65 -5.24
N ARG B 240 -7.73 45.12 -6.27
CA ARG B 240 -7.64 43.68 -6.44
C ARG B 240 -6.86 43.04 -5.29
N ILE B 241 -5.75 43.68 -4.89
CA ILE B 241 -4.98 43.16 -3.76
C ILE B 241 -5.81 43.15 -2.50
N SER B 242 -6.62 44.19 -2.28
CA SER B 242 -7.50 44.21 -1.12
C SER B 242 -8.53 43.08 -1.19
N GLU B 243 -8.95 42.70 -2.40
CA GLU B 243 -9.89 41.59 -2.53
C GLU B 243 -9.22 40.25 -2.26
N ILE B 244 -7.97 40.10 -2.69
CA ILE B 244 -7.24 38.85 -2.44
C ILE B 244 -6.87 38.73 -0.97
N ILE B 245 -6.52 39.84 -0.33
CA ILE B 245 -6.19 39.82 1.09
C ILE B 245 -7.42 39.46 1.92
N ASP B 246 -8.58 40.01 1.56
CA ASP B 246 -9.81 39.67 2.27
C ASP B 246 -10.22 38.23 2.00
N SER B 247 -9.89 37.70 0.82
CA SER B 247 -10.18 36.29 0.53
C SER B 247 -9.34 35.38 1.41
N ARG B 248 -8.04 35.68 1.55
CA ARG B 248 -7.20 34.91 2.46
C ARG B 248 -7.64 35.09 3.91
N ARG B 249 -8.14 36.27 4.25
CA ARG B 249 -8.61 36.51 5.61
C ARG B 249 -9.78 35.60 5.96
N ARG B 250 -10.78 35.54 5.08
CA ARG B 250 -11.93 34.66 5.34
C ARG B 250 -11.53 33.19 5.34
N LEU B 251 -10.55 32.81 4.52
CA LEU B 251 -10.08 31.43 4.52
C LEU B 251 -9.36 31.08 5.82
N GLU B 252 -8.69 32.07 6.42
CA GLU B 252 -8.04 31.84 7.71
C GLU B 252 -9.06 31.68 8.83
N GLU B 253 -10.22 32.35 8.72
CA GLU B 253 -11.26 32.18 9.72
C GLU B 253 -11.96 30.83 9.58
N ASP B 254 -12.20 30.40 8.35
CA ASP B 254 -12.79 29.08 8.13
C ASP B 254 -11.86 27.98 8.62
N LEU B 255 -10.55 28.16 8.44
CA LEU B 255 -9.59 27.20 8.98
C LEU B 255 -9.52 27.27 10.49
N LYS B 256 -9.63 28.47 11.05
CA LYS B 256 -9.59 28.64 12.50
C LYS B 256 -10.77 27.94 13.16
N LYS B 257 -11.96 28.03 12.54
CA LYS B 257 -13.13 27.36 13.08
C LYS B 257 -13.04 25.85 12.86
N GLN B 258 -12.59 25.43 11.67
CA GLN B 258 -12.51 24.00 11.38
C GLN B 258 -11.44 23.30 12.20
N ALA B 259 -10.41 24.04 12.62
CA ALA B 259 -9.41 23.46 13.51
C ALA B 259 -10.02 23.15 14.87
N ALA B 260 -10.86 24.05 15.39
CA ALA B 260 -11.54 23.78 16.64
C ALA B 260 -12.58 22.67 16.49
N GLU B 261 -13.18 22.54 15.30
CA GLU B 261 -14.10 21.43 15.06
C GLU B 261 -13.36 20.10 15.07
N TYR B 262 -12.16 20.07 14.48
CA TYR B 262 -11.32 18.87 14.57
C TYR B 262 -10.93 18.60 16.01
N ARG B 263 -10.69 19.66 16.79
CA ARG B 263 -10.26 19.49 18.17
C ARG B 263 -11.35 18.85 19.02
N GLU B 264 -12.61 19.16 18.75
CA GLU B 264 -13.71 18.58 19.51
C GLU B 264 -14.08 17.19 19.02
N ILE B 265 -13.93 16.92 17.73
CA ILE B 265 -14.14 15.57 17.22
C ILE B 265 -13.09 14.62 17.79
N ASP B 266 -11.86 15.12 17.97
CA ASP B 266 -10.81 14.30 18.54
C ASP B 266 -11.09 13.98 20.00
N LYS B 267 -11.62 14.96 20.74
CA LYS B 267 -11.97 14.71 22.14
C LYS B 267 -13.13 13.74 22.27
N ARG B 268 -14.13 13.85 21.39
CA ARG B 268 -15.26 12.95 21.44
C ARG B 268 -14.86 11.51 21.13
N MET B 269 -13.92 11.33 20.20
CA MET B 269 -13.45 9.98 19.88
C MET B 269 -12.57 9.42 20.99
N ASN B 270 -11.79 10.27 21.65
CA ASN B 270 -10.99 9.81 22.79
C ASN B 270 -11.85 9.46 24.00
N SER B 271 -13.11 9.87 24.01
CA SER B 271 -14.02 9.53 25.10
C SER B 271 -14.89 8.32 24.79
N ILE B 272 -15.23 8.09 23.52
CA ILE B 272 -16.04 6.93 23.17
C ILE B 272 -15.19 5.69 22.89
N LYS B 273 -13.89 5.86 22.60
CA LYS B 273 -13.03 4.70 22.39
C LYS B 273 -12.90 3.82 23.62
N PRO B 274 -12.63 4.34 24.83
CA PRO B 274 -12.58 3.43 26.00
C PRO B 274 -13.90 2.76 26.29
N ASP B 275 -15.01 3.48 26.14
CA ASP B 275 -16.32 2.88 26.40
C ASP B 275 -16.67 1.82 25.37
N LEU B 276 -16.15 1.96 24.14
CA LEU B 276 -16.43 0.96 23.11
C LEU B 276 -15.62 -0.31 23.32
N ILE B 277 -14.43 -0.20 23.92
CA ILE B 277 -13.62 -1.39 24.17
C ILE B 277 -14.22 -2.21 25.31
N GLN B 278 -14.59 -1.54 26.41
CA GLN B 278 -15.16 -2.27 27.54
C GLN B 278 -16.54 -2.83 27.23
N LEU B 279 -17.31 -2.16 26.36
CA LEU B 279 -18.62 -2.67 26.01
C LEU B 279 -18.53 -3.91 25.13
N ARG B 280 -17.48 -4.00 24.30
CA ARG B 280 -17.28 -5.21 23.50
C ARG B 280 -16.80 -6.36 24.37
N LYS B 281 -15.90 -6.09 25.32
CA LYS B 281 -15.41 -7.14 26.20
C LYS B 281 -16.48 -7.61 27.16
N THR B 282 -17.39 -6.73 27.56
CA THR B 282 -18.52 -7.16 28.38
C THR B 282 -19.49 -8.01 27.57
N ARG B 283 -19.71 -7.65 26.31
CA ARG B 283 -20.55 -8.48 25.44
C ARG B 283 -19.92 -9.85 25.21
N ASP B 284 -18.60 -9.89 25.05
CA ASP B 284 -17.92 -11.16 24.83
C ASP B 284 -17.92 -12.03 26.07
N GLN B 285 -18.01 -11.42 27.26
CA GLN B 285 -18.11 -12.20 28.48
C GLN B 285 -19.49 -12.84 28.60
N TYR B 286 -20.55 -12.07 28.34
CA TYR B 286 -21.89 -12.63 28.38
C TYR B 286 -22.11 -13.66 27.28
N LEU B 287 -21.46 -13.48 26.13
CA LEU B 287 -21.54 -14.49 25.08
C LEU B 287 -20.77 -15.75 25.47
N MET B 288 -19.60 -15.59 26.09
CA MET B 288 -18.83 -16.74 26.54
C MET B 288 -19.58 -17.51 27.62
N TRP B 289 -20.25 -16.79 28.53
CA TRP B 289 -21.05 -17.46 29.55
C TRP B 289 -22.20 -18.24 28.92
N LEU B 290 -22.75 -17.73 27.82
CA LEU B 290 -23.87 -18.40 27.18
C LEU B 290 -23.43 -19.69 26.49
N THR B 291 -22.23 -19.70 25.89
CA THR B 291 -21.72 -20.92 25.28
C THR B 291 -21.38 -21.96 26.34
N GLN B 292 -20.80 -21.53 27.47
CA GLN B 292 -20.46 -22.47 28.53
C GLN B 292 -21.73 -23.06 29.16
N LYS B 293 -22.73 -22.22 29.43
CA LYS B 293 -24.01 -22.68 29.96
C LYS B 293 -24.94 -23.18 28.86
N GLY B 294 -24.42 -23.93 27.90
CA GLY B 294 -25.23 -24.49 26.83
C GLY B 294 -24.72 -25.87 26.46
N VAL B 295 -25.48 -26.53 25.58
CA VAL B 295 -25.12 -27.88 25.14
C VAL B 295 -23.83 -27.81 24.33
N ARG B 296 -22.90 -28.70 24.64
CA ARG B 296 -21.55 -28.70 24.06
C ARG B 296 -21.43 -29.88 23.12
N GLN B 297 -21.65 -29.63 21.82
CA GLN B 297 -21.52 -30.66 20.78
C GLN B 297 -22.34 -31.90 21.10
#